data_3SDC
#
_entry.id   3SDC
#
_cell.length_a   94.350
_cell.length_b   94.350
_cell.length_c   287.860
_cell.angle_alpha   90.000
_cell.angle_beta   90.000
_cell.angle_gamma   90.000
#
_symmetry.space_group_name_H-M   'P 41 21 2'
#
loop_
_entity.id
_entity.type
_entity.pdbx_description
1 polymer 'Antigen-presenting glycoprotein CD1d1'
2 polymer Beta-2-microglobulin
3 polymer 'NKT TCR Valpha14 chain'
4 polymer 'NKT TCR autoreactive-Vbeta6 chain'
5 branched 2-acetamido-2-deoxy-beta-D-glucopyranose-(1-4)-2-acetamido-2-deoxy-beta-D-glucopyranose
6 non-polymer 2-acetamido-2-deoxy-beta-D-glucopyranose
7 non-polymer N-[(2S,3R,4E)-1-{[alpha-D-galactopyranosyl-(1->4)-beta-D-galactopyranosyl-(1->4)-beta-D-glucopyranosyl]oxy}-3-hydroxyoctadec-4-en-2-yl]hexacosanamide
8 water water
#
loop_
_entity_poly.entity_id
_entity_poly.type
_entity_poly.pdbx_seq_one_letter_code
_entity_poly.pdbx_strand_id
1 'polypeptide(L)'
;SEAQQKNYTFRCLQMSSFANRSWSRTDSVVWLGDLQTHRWSNDSATISFTKPWSQGKLSNQQWEKLQHMFQVYRVSFTRD
IQELVKMMSPKEDYPIEIQLSAGCEMYPGNASESFLHVAFQGKYVVRFWGTSWQTVPGAPSWLDLPIKVLNADQGTSATV
QMLLNDTCPLFVRGLLEAGKSDLEKQEKPVAWLSSVPSSAHGHRQLVCHVSGFYPKPVWVMWMRGDQEQQGTHRGDFLPN
ADETWYLQATLDVEAGEEAGLACRVKHSSLGGQDIILYWGSLHHILDAQKMVWNHRHHHHHH
;
A
2 'polypeptide(L)'
;IQKTPQIQVYSRHPPENGKPNILNCYVTQFHPPHIEIQMLKNGKKIPKVEMSDMSFSKDWSFYILAHTEFTPTETDTYAC
RVKHASMAEPKTVYWDRDM
;
B
3 'polypeptide(L)'
;TQVEQSPQSLVVRQGENSVLQCNYSVTPDNHLRWFKQDTGKGLVSLTVLVDQKDKTSNGRYSATLDKDAKHSTLHITATL
LDDTATYICVVGDRGSALGRLHFGAGTQLIVIPDIQNPDPAVYQLRDSKSSDKSVCLFTDFDSQTNVSQSKDSDVYITDK
CVLDMRSMDFKSNSAVAWSNKSDFACANAFNNSIIPEDTFFPSPESS
;
C
4 'polypeptide(L)'
;HMGGIITQTPKFLIGQEGQKLTLKCQQNFNHDTMYWYRQDSGKGLRLIYYSYGAGSTEKGDLSEGYDASREKKSSFSLTV
TSAQKNEMAVFLCASGSLLDVREVFFGKGTRLTVVEDLKNVFPPEVAVFEPSEAEISHTQKATLVCLATGFYPDHVELSW
WVNGKEVHSGVCTDPQPLKEQPALNDSRYALSSRLRVSATFWQNPRNHFRCQVQFYGLSENDEWTQDRAKPVTQIVSAEA
WGRAD
;
D
#
loop_
_chem_comp.id
_chem_comp.type
_chem_comp.name
_chem_comp.formula
3GB non-polymer N-[(2S,3R,4E)-1-{[alpha-D-galactopyranosyl-(1->4)-beta-D-galactopyranosyl-(1->4)-beta-D-glucopyranosyl]oxy}-3-hydroxyoctadec-4-en-2-yl]hexacosanamide 'C62 H117 N O18'
NAG D-saccharide, beta linking 2-acetamido-2-deoxy-beta-D-glucopyranose 'C8 H15 N O6'
#
# COMPACT_ATOMS: atom_id res chain seq x y z
N ASN A 7 -30.51 -25.51 6.20
CA ASN A 7 -29.73 -26.34 7.18
C ASN A 7 -28.50 -25.67 7.82
N TYR A 8 -27.33 -25.79 7.18
CA TYR A 8 -26.04 -25.38 7.79
C TYR A 8 -25.54 -23.99 7.33
N THR A 9 -24.79 -23.33 8.20
CA THR A 9 -24.23 -22.00 7.91
C THR A 9 -22.75 -21.91 8.22
N PHE A 10 -21.98 -21.53 7.20
CA PHE A 10 -20.54 -21.39 7.30
C PHE A 10 -20.24 -19.95 7.59
N ARG A 11 -19.37 -19.71 8.57
CA ARG A 11 -18.96 -18.36 8.94
C ARG A 11 -17.46 -18.24 9.04
N CYS A 12 -16.90 -17.33 8.26
CA CYS A 12 -15.55 -16.89 8.51
C CYS A 12 -15.69 -15.59 9.27
N LEU A 13 -15.08 -15.55 10.45
CA LEU A 13 -15.22 -14.41 11.35
C LEU A 13 -13.89 -13.71 11.56
N GLN A 14 -13.88 -12.41 11.28
CA GLN A 14 -12.66 -11.62 11.37
C GLN A 14 -12.84 -10.50 12.38
N MET A 15 -11.90 -10.43 13.32
CA MET A 15 -11.88 -9.39 14.33
C MET A 15 -10.63 -8.59 14.14
N SER A 16 -10.78 -7.34 13.72
CA SER A 16 -9.63 -6.48 13.55
C SER A 16 -9.69 -5.33 14.54
N SER A 17 -8.56 -5.08 15.19
CA SER A 17 -8.47 -4.05 16.23
C SER A 17 -7.29 -3.15 15.95
N PHE A 18 -7.54 -1.85 15.92
CA PHE A 18 -6.53 -0.84 15.67
C PHE A 18 -6.55 0.16 16.82
N ALA A 19 -5.42 0.32 17.51
CA ALA A 19 -5.37 1.14 18.72
C ALA A 19 -4.89 2.56 18.42
N ASN A 20 -3.82 2.64 17.65
CA ASN A 20 -3.25 3.90 17.20
C ASN A 20 -2.56 3.63 15.86
N ARG A 21 -1.67 4.52 15.46
CA ARG A 21 -1.01 4.37 14.16
C ARG A 21 -0.19 3.08 14.10
N SER A 22 0.44 2.72 15.22
CA SER A 22 1.47 1.66 15.26
C SER A 22 0.97 0.25 15.53
N TRP A 23 -0.08 0.13 16.34
CA TRP A 23 -0.51 -1.14 16.91
C TRP A 23 -1.79 -1.63 16.25
N SER A 24 -1.80 -2.91 15.86
CA SER A 24 -3.03 -3.58 15.41
C SER A 24 -2.88 -5.10 15.32
N ARG A 25 -4.02 -5.79 15.25
CA ARG A 25 -4.04 -7.26 15.13
C ARG A 25 -5.34 -7.78 14.50
N THR A 26 -5.24 -8.91 13.82
CA THR A 26 -6.38 -9.56 13.20
C THR A 26 -6.41 -11.03 13.58
N ASP A 27 -7.47 -11.41 14.29
CA ASP A 27 -7.70 -12.80 14.64
C ASP A 27 -8.96 -13.23 13.93
N SER A 28 -8.92 -14.44 13.41
CA SER A 28 -10.06 -14.98 12.69
C SER A 28 -10.42 -16.33 13.26
N VAL A 29 -11.71 -16.67 13.19
CA VAL A 29 -12.21 -17.98 13.56
C VAL A 29 -13.20 -18.47 12.49
N VAL A 30 -13.37 -19.78 12.36
CA VAL A 30 -14.28 -20.30 11.35
C VAL A 30 -15.23 -21.35 11.93
N TRP A 31 -16.52 -21.16 11.67
CA TRP A 31 -17.59 -22.00 12.21
C TRP A 31 -18.43 -22.56 11.10
N LEU A 32 -18.51 -23.88 11.04
CA LEU A 32 -19.55 -24.54 10.26
C LEU A 32 -20.60 -24.96 11.27
N GLY A 33 -21.86 -24.61 11.02
CA GLY A 33 -22.92 -24.77 12.02
C GLY A 33 -22.38 -24.15 13.30
N ASP A 34 -22.41 -24.90 14.40
CA ASP A 34 -21.81 -24.39 15.64
C ASP A 34 -20.53 -25.12 16.07
N LEU A 35 -19.88 -25.80 15.13
CA LEU A 35 -18.59 -26.42 15.39
C LEU A 35 -17.47 -25.64 14.73
N GLN A 36 -16.49 -25.21 15.52
CA GLN A 36 -15.38 -24.43 14.99
C GLN A 36 -14.45 -25.28 14.15
N THR A 37 -14.19 -24.83 12.92
CA THR A 37 -13.40 -25.59 11.96
C THR A 37 -11.98 -25.07 11.83
N HIS A 38 -11.82 -23.74 11.80
CA HIS A 38 -10.48 -23.15 11.62
C HIS A 38 -10.15 -22.06 12.67
N ARG A 39 -8.86 -21.73 12.77
CA ARG A 39 -8.37 -20.73 13.71
C ARG A 39 -7.20 -19.97 13.11
N TRP A 40 -7.27 -18.64 13.10
CA TRP A 40 -6.15 -17.86 12.57
C TRP A 40 -5.70 -16.70 13.46
N SER A 41 -4.82 -17.04 14.39
CA SER A 41 -4.24 -16.10 15.35
C SER A 41 -3.25 -15.15 14.66
N ASN A 42 -3.27 -13.86 15.06
CA ASN A 42 -2.41 -12.82 14.45
C ASN A 42 -0.98 -13.32 14.27
N ASP A 43 -0.45 -13.94 15.32
CA ASP A 43 0.95 -14.32 15.38
C ASP A 43 1.28 -15.55 14.55
N SER A 44 0.25 -16.28 14.11
CA SER A 44 0.48 -17.38 13.18
C SER A 44 0.45 -16.87 11.77
N ALA A 45 1.41 -17.34 10.97
CA ALA A 45 1.44 -17.03 9.55
C ALA A 45 0.42 -17.90 8.82
N THR A 46 0.11 -19.07 9.40
CA THR A 46 -0.79 -20.05 8.78
C THR A 46 -2.09 -20.31 9.56
N ILE A 47 -3.15 -20.57 8.80
CA ILE A 47 -4.45 -20.96 9.33
C ILE A 47 -4.37 -22.39 9.87
N SER A 48 -4.90 -22.59 11.07
CA SER A 48 -4.82 -23.86 11.75
C SER A 48 -6.16 -24.56 11.74
N PHE A 49 -6.14 -25.84 11.39
CA PHE A 49 -7.31 -26.70 11.50
C PHE A 49 -7.64 -26.99 12.98
N THR A 50 -8.92 -27.01 13.31
CA THR A 50 -9.36 -27.38 14.65
C THR A 50 -10.13 -28.70 14.62
N LYS A 51 -10.21 -29.29 13.43
CA LYS A 51 -10.78 -30.62 13.22
C LYS A 51 -9.85 -31.44 12.34
N PRO A 52 -9.94 -32.78 12.42
CA PRO A 52 -9.13 -33.52 11.48
C PRO A 52 -9.55 -33.16 10.06
N TRP A 53 -10.86 -32.99 9.84
CA TRP A 53 -11.41 -32.85 8.50
C TRP A 53 -11.48 -31.42 7.97
N SER A 54 -10.69 -30.52 8.55
CA SER A 54 -10.80 -29.09 8.26
C SER A 54 -10.44 -28.71 6.84
N GLN A 55 -9.50 -29.44 6.24
CA GLN A 55 -9.08 -29.13 4.88
C GLN A 55 -10.19 -29.44 3.88
N GLY A 56 -11.28 -30.05 4.37
CA GLY A 56 -12.41 -30.40 3.54
C GLY A 56 -11.91 -31.34 2.46
N LYS A 57 -12.39 -31.17 1.23
CA LYS A 57 -11.99 -32.03 0.12
C LYS A 57 -10.91 -31.45 -0.81
N LEU A 58 -10.34 -30.31 -0.41
CA LEU A 58 -9.41 -29.58 -1.27
C LEU A 58 -8.06 -30.24 -1.14
N SER A 59 -7.30 -30.25 -2.24
CA SER A 59 -5.95 -30.81 -2.27
C SER A 59 -4.96 -29.93 -1.52
N ASN A 60 -3.79 -30.47 -1.21
CA ASN A 60 -2.77 -29.71 -0.49
C ASN A 60 -2.41 -28.38 -1.15
N GLN A 61 -2.24 -28.39 -2.47
CA GLN A 61 -1.95 -27.15 -3.19
C GLN A 61 -3.19 -26.27 -3.42
N GLN A 62 -4.37 -26.89 -3.63
CA GLN A 62 -5.63 -26.15 -3.68
C GLN A 62 -5.77 -25.30 -2.43
N TRP A 63 -5.48 -25.92 -1.28
CA TRP A 63 -5.54 -25.29 0.03
C TRP A 63 -4.50 -24.20 0.14
N GLU A 64 -3.28 -24.51 -0.29
CA GLU A 64 -2.21 -23.54 -0.26
C GLU A 64 -2.58 -22.29 -1.06
N LYS A 65 -3.16 -22.50 -2.24
CA LYS A 65 -3.61 -21.40 -3.09
C LYS A 65 -4.49 -20.49 -2.26
N LEU A 66 -5.49 -21.09 -1.62
CA LEU A 66 -6.40 -20.40 -0.73
C LEU A 66 -5.72 -19.72 0.43
N GLN A 67 -4.79 -20.42 1.08
CA GLN A 67 -4.14 -19.87 2.25
C GLN A 67 -3.29 -18.68 1.84
N HIS A 68 -2.49 -18.88 0.79
CA HIS A 68 -1.60 -17.82 0.32
C HIS A 68 -2.35 -16.57 -0.09
N MET A 69 -3.54 -16.75 -0.65
CA MET A 69 -4.42 -15.65 -0.96
C MET A 69 -4.81 -14.90 0.32
N PHE A 70 -5.21 -15.65 1.35
CA PHE A 70 -5.63 -15.07 2.61
C PHE A 70 -4.51 -14.41 3.37
N GLN A 71 -3.34 -15.03 3.38
CA GLN A 71 -2.17 -14.44 4.02
C GLN A 71 -1.91 -13.03 3.47
N VAL A 72 -1.81 -12.91 2.14
CA VAL A 72 -1.63 -11.63 1.46
C VAL A 72 -2.71 -10.66 1.87
N TYR A 73 -3.98 -11.11 1.81
CA TYR A 73 -5.11 -10.27 2.20
C TYR A 73 -4.96 -9.64 3.57
N ARG A 74 -4.57 -10.44 4.56
CA ARG A 74 -4.45 -9.97 5.95
C ARG A 74 -3.62 -8.70 6.04
N VAL A 75 -2.33 -8.81 5.72
CA VAL A 75 -1.43 -7.66 5.80
C VAL A 75 -1.92 -6.50 4.92
N SER A 76 -2.50 -6.82 3.77
CA SER A 76 -2.98 -5.82 2.84
C SER A 76 -4.13 -5.03 3.41
N PHE A 77 -5.01 -5.73 4.12
CA PHE A 77 -6.20 -5.15 4.71
C PHE A 77 -5.82 -4.20 5.85
N THR A 78 -4.89 -4.66 6.69
CA THR A 78 -4.31 -3.87 7.78
C THR A 78 -3.86 -2.50 7.26
N ARG A 79 -2.87 -2.51 6.37
CA ARG A 79 -2.35 -1.25 5.84
C ARG A 79 -3.43 -0.40 5.19
N ASP A 80 -4.35 -1.04 4.47
CA ASP A 80 -5.44 -0.35 3.81
C ASP A 80 -6.34 0.36 4.80
N ILE A 81 -6.64 -0.28 5.92
CA ILE A 81 -7.41 0.40 6.94
C ILE A 81 -6.63 1.61 7.45
N GLN A 82 -5.38 1.38 7.84
CA GLN A 82 -4.50 2.44 8.33
C GLN A 82 -4.54 3.68 7.44
N GLU A 83 -4.56 3.45 6.12
CA GLU A 83 -4.64 4.53 5.15
C GLU A 83 -6.02 5.16 5.17
N LEU A 84 -7.06 4.34 5.15
CA LEU A 84 -8.41 4.87 5.21
C LEU A 84 -8.58 5.84 6.38
N VAL A 85 -7.90 5.55 7.50
CA VAL A 85 -7.87 6.48 8.63
C VAL A 85 -7.19 7.77 8.18
N LYS A 86 -5.94 7.68 7.74
CA LYS A 86 -5.20 8.86 7.29
C LYS A 86 -6.06 9.74 6.41
N MET A 87 -6.94 9.10 5.64
CA MET A 87 -7.79 9.77 4.69
C MET A 87 -8.97 10.45 5.38
N MET A 88 -9.58 9.77 6.35
CA MET A 88 -10.71 10.35 7.09
C MET A 88 -10.23 11.21 8.28
N SER A 89 -9.50 12.27 7.96
CA SER A 89 -8.59 12.94 8.90
C SER A 89 -9.13 13.32 10.28
N PRO A 90 -10.32 13.94 10.33
CA PRO A 90 -10.94 14.00 11.64
C PRO A 90 -12.24 13.23 11.71
N LYS A 91 -12.74 12.78 10.56
CA LYS A 91 -14.05 12.15 10.50
C LYS A 91 -14.11 10.91 11.38
N GLU A 92 -13.08 10.06 11.28
CA GLU A 92 -12.89 8.94 12.20
C GLU A 92 -11.48 8.88 12.73
N ASP A 93 -11.31 8.28 13.91
CA ASP A 93 -9.99 8.15 14.51
C ASP A 93 -9.85 6.89 15.35
N TYR A 94 -8.61 6.43 15.50
CA TYR A 94 -8.28 5.34 16.40
C TYR A 94 -8.80 5.69 17.81
N PRO A 95 -9.25 4.68 18.58
CA PRO A 95 -9.19 3.25 18.27
C PRO A 95 -10.29 2.80 17.31
N ILE A 96 -9.98 1.81 16.49
CA ILE A 96 -10.92 1.29 15.50
C ILE A 96 -11.09 -0.21 15.67
N GLU A 97 -12.34 -0.63 15.72
CA GLU A 97 -12.68 -2.04 15.74
C GLU A 97 -13.52 -2.42 14.51
N ILE A 98 -13.05 -3.44 13.81
CA ILE A 98 -13.70 -3.92 12.60
C ILE A 98 -14.01 -5.41 12.70
N GLN A 99 -15.21 -5.78 12.25
CA GLN A 99 -15.65 -7.17 12.22
C GLN A 99 -16.07 -7.58 10.84
N LEU A 100 -15.57 -8.72 10.37
CA LEU A 100 -16.04 -9.31 9.12
C LEU A 100 -16.76 -10.62 9.37
N SER A 101 -17.86 -10.81 8.66
CA SER A 101 -18.56 -12.08 8.66
C SER A 101 -18.79 -12.46 7.21
N ALA A 102 -18.15 -13.53 6.76
CA ALA A 102 -18.24 -13.94 5.36
C ALA A 102 -18.44 -15.43 5.25
N GLY A 103 -19.38 -15.85 4.40
CA GLY A 103 -19.58 -17.28 4.20
C GLY A 103 -20.76 -17.72 3.37
N CYS A 104 -21.31 -18.85 3.79
CA CYS A 104 -22.29 -19.58 2.99
C CYS A 104 -23.41 -20.09 3.83
N GLU A 105 -24.58 -20.18 3.19
CA GLU A 105 -25.70 -20.93 3.74
C GLU A 105 -25.93 -22.09 2.78
N MET A 106 -25.88 -23.31 3.31
CA MET A 106 -26.07 -24.50 2.50
C MET A 106 -27.51 -25.00 2.54
N TYR A 107 -27.91 -25.57 1.43
CA TYR A 107 -29.25 -25.98 1.23
C TYR A 107 -29.30 -27.23 0.41
N PRO A 108 -30.47 -27.84 0.38
CA PRO A 108 -30.78 -28.90 -0.56
C PRO A 108 -30.73 -28.33 -1.95
N GLY A 109 -30.15 -29.07 -2.88
CA GLY A 109 -29.25 -28.57 -3.88
C GLY A 109 -28.00 -28.65 -3.03
N ASN A 110 -26.85 -28.17 -3.50
CA ASN A 110 -26.69 -27.57 -4.78
C ASN A 110 -27.73 -26.52 -4.84
N ALA A 111 -27.81 -25.84 -3.72
CA ALA A 111 -28.42 -24.54 -3.61
C ALA A 111 -27.55 -23.99 -2.55
N SER A 112 -27.40 -22.70 -2.50
CA SER A 112 -26.51 -22.09 -1.52
C SER A 112 -26.59 -20.58 -1.64
N GLU A 113 -26.56 -19.88 -0.51
CA GLU A 113 -26.59 -18.41 -0.47
C GLU A 113 -25.36 -17.84 0.24
N SER A 114 -24.76 -16.79 -0.33
CA SER A 114 -23.50 -16.27 0.21
C SER A 114 -23.59 -14.83 0.70
N PHE A 115 -22.67 -14.45 1.59
CA PHE A 115 -22.73 -13.16 2.25
C PHE A 115 -21.35 -12.67 2.70
N LEU A 116 -21.17 -11.35 2.72
CA LEU A 116 -20.02 -10.76 3.38
C LEU A 116 -20.44 -9.46 4.05
N HIS A 117 -20.49 -9.48 5.38
CA HIS A 117 -20.94 -8.34 6.16
C HIS A 117 -19.77 -7.74 6.95
N VAL A 118 -19.69 -6.42 6.96
CA VAL A 118 -18.64 -5.71 7.66
C VAL A 118 -19.27 -4.82 8.73
N ALA A 119 -18.72 -4.90 9.94
CA ALA A 119 -19.15 -4.04 11.03
C ALA A 119 -18.02 -3.13 11.41
N PHE A 120 -18.41 -1.94 11.84
CA PHE A 120 -17.47 -0.90 12.21
C PHE A 120 -17.88 -0.37 13.56
N GLN A 121 -16.98 -0.52 14.52
CA GLN A 121 -17.27 -0.15 15.91
C GLN A 121 -18.48 -0.91 16.45
N GLY A 122 -18.73 -2.11 15.92
CA GLY A 122 -19.82 -2.95 16.39
C GLY A 122 -21.17 -2.67 15.75
N LYS A 123 -21.20 -1.76 14.78
CA LYS A 123 -22.42 -1.59 13.99
C LYS A 123 -22.19 -2.12 12.57
N TYR A 124 -23.18 -2.85 12.06
CA TYR A 124 -23.18 -3.34 10.69
C TYR A 124 -23.35 -2.15 9.75
N VAL A 125 -22.41 -2.02 8.83
CA VAL A 125 -22.32 -0.83 7.99
C VAL A 125 -22.24 -1.16 6.50
N VAL A 126 -21.35 -2.09 6.14
CA VAL A 126 -21.00 -2.36 4.76
C VAL A 126 -21.17 -3.84 4.43
N ARG A 127 -21.80 -4.13 3.30
CA ARG A 127 -21.76 -5.50 2.77
C ARG A 127 -21.08 -5.51 1.42
N PHE A 128 -20.87 -6.71 0.90
CA PHE A 128 -20.56 -6.90 -0.51
C PHE A 128 -21.82 -7.45 -1.14
N TRP A 129 -22.13 -7.00 -2.35
CA TRP A 129 -23.40 -7.36 -2.96
C TRP A 129 -23.31 -7.41 -4.47
N GLY A 130 -23.40 -8.61 -5.03
CA GLY A 130 -23.26 -8.77 -6.45
C GLY A 130 -21.83 -8.55 -6.85
N THR A 131 -21.48 -7.30 -7.12
CA THR A 131 -20.18 -6.99 -7.74
C THR A 131 -19.34 -5.95 -7.00
N SER A 132 -19.97 -5.18 -6.11
CA SER A 132 -19.31 -4.04 -5.47
C SER A 132 -19.54 -4.03 -3.96
N TRP A 133 -18.92 -3.06 -3.29
CA TRP A 133 -19.18 -2.81 -1.87
C TRP A 133 -20.36 -1.88 -1.77
N GLN A 134 -21.19 -2.10 -0.75
CA GLN A 134 -22.37 -1.29 -0.52
C GLN A 134 -22.52 -0.94 0.95
N THR A 135 -22.93 0.29 1.23
CA THR A 135 -23.27 0.64 2.60
C THR A 135 -24.71 0.19 2.84
N VAL A 136 -25.01 -0.19 4.08
CA VAL A 136 -26.35 -0.65 4.42
C VAL A 136 -27.19 0.49 5.06
N PRO A 137 -28.53 0.34 5.06
CA PRO A 137 -29.37 1.38 5.65
C PRO A 137 -28.96 1.67 7.08
N GLY A 138 -28.83 2.96 7.37
CA GLY A 138 -28.46 3.41 8.71
C GLY A 138 -26.98 3.60 8.87
N ALA A 139 -26.22 3.31 7.81
CA ALA A 139 -24.78 3.49 7.83
C ALA A 139 -24.43 4.98 7.85
N PRO A 140 -23.38 5.34 8.60
CA PRO A 140 -22.91 6.72 8.63
C PRO A 140 -22.55 7.16 7.23
N SER A 141 -23.02 8.35 6.85
CA SER A 141 -22.88 8.86 5.49
C SER A 141 -21.45 9.19 5.08
N TRP A 142 -20.53 9.30 6.03
CA TRP A 142 -19.14 9.54 5.68
C TRP A 142 -18.46 8.32 5.05
N LEU A 143 -19.08 7.15 5.18
CA LEU A 143 -18.54 5.94 4.55
C LEU A 143 -18.62 5.98 3.02
N ASP A 144 -19.55 6.75 2.49
CA ASP A 144 -19.78 6.90 1.04
C ASP A 144 -18.53 7.04 0.18
N LEU A 145 -17.56 7.83 0.65
CA LEU A 145 -16.30 8.01 -0.04
C LEU A 145 -15.41 6.76 -0.03
N PRO A 146 -14.95 6.30 1.16
CA PRO A 146 -14.06 5.14 1.19
C PRO A 146 -14.55 3.97 0.36
N ILE A 147 -15.87 3.74 0.38
CA ILE A 147 -16.49 2.72 -0.46
C ILE A 147 -16.18 2.98 -1.94
N LYS A 148 -16.37 4.22 -2.39
CA LYS A 148 -16.01 4.59 -3.75
C LYS A 148 -14.53 4.30 -4.00
N VAL A 149 -13.68 4.73 -3.08
CA VAL A 149 -12.24 4.51 -3.21
C VAL A 149 -11.89 3.01 -3.31
N LEU A 150 -12.61 2.19 -2.55
CA LEU A 150 -12.37 0.74 -2.58
C LEU A 150 -13.04 0.06 -3.77
N ASN A 151 -14.16 0.61 -4.23
CA ASN A 151 -14.89 0.00 -5.32
C ASN A 151 -14.25 0.22 -6.69
N ALA A 152 -13.22 1.05 -6.72
CA ALA A 152 -12.41 1.23 -7.92
C ALA A 152 -11.46 0.06 -8.18
N ASP A 153 -11.29 -0.82 -7.18
CA ASP A 153 -10.37 -1.94 -7.29
C ASP A 153 -11.08 -3.18 -7.84
N GLN A 154 -11.12 -3.27 -9.17
CA GLN A 154 -11.83 -4.36 -9.85
C GLN A 154 -11.17 -5.73 -9.62
N GLY A 155 -9.90 -5.73 -9.21
CA GLY A 155 -9.19 -6.96 -8.88
C GLY A 155 -9.73 -7.59 -7.61
N THR A 156 -9.77 -6.80 -6.53
CA THR A 156 -10.36 -7.21 -5.26
C THR A 156 -11.78 -7.71 -5.47
N SER A 157 -12.55 -6.96 -6.24
CA SER A 157 -13.94 -7.32 -6.54
C SER A 157 -14.08 -8.70 -7.20
N ALA A 158 -13.16 -9.02 -8.11
CA ALA A 158 -13.25 -10.27 -8.86
C ALA A 158 -12.78 -11.43 -8.04
N THR A 159 -11.89 -11.17 -7.09
CA THR A 159 -11.42 -12.20 -6.16
C THR A 159 -12.52 -12.54 -5.18
N VAL A 160 -13.13 -11.51 -4.62
CA VAL A 160 -14.22 -11.68 -3.67
C VAL A 160 -15.35 -12.43 -4.35
N GLN A 161 -15.78 -11.97 -5.52
CA GLN A 161 -16.81 -12.66 -6.29
C GLN A 161 -16.57 -14.17 -6.45
N MET A 162 -15.30 -14.55 -6.53
CA MET A 162 -14.97 -15.94 -6.74
C MET A 162 -14.99 -16.69 -5.42
N LEU A 163 -14.53 -16.06 -4.35
CA LEU A 163 -14.64 -16.66 -3.01
C LEU A 163 -16.08 -16.89 -2.63
N LEU A 164 -16.95 -15.94 -2.93
CA LEU A 164 -18.34 -16.03 -2.54
C LEU A 164 -19.14 -16.94 -3.45
N ASN A 165 -19.07 -16.72 -4.76
CA ASN A 165 -19.92 -17.44 -5.71
C ASN A 165 -19.53 -18.90 -5.90
N ASP A 166 -18.23 -19.17 -5.91
CA ASP A 166 -17.76 -20.52 -6.18
C ASP A 166 -17.04 -21.16 -5.01
N THR A 167 -15.94 -20.56 -4.57
CA THR A 167 -15.05 -21.21 -3.61
C THR A 167 -15.75 -21.62 -2.33
N CYS A 168 -16.57 -20.73 -1.79
CA CYS A 168 -17.27 -21.00 -0.55
C CYS A 168 -18.24 -22.20 -0.69
N PRO A 169 -19.24 -22.14 -1.61
CA PRO A 169 -20.17 -23.27 -1.63
C PRO A 169 -19.48 -24.60 -1.98
N LEU A 170 -18.39 -24.52 -2.75
CA LEU A 170 -17.60 -25.68 -3.10
C LEU A 170 -16.94 -26.22 -1.84
N PHE A 171 -16.17 -25.36 -1.19
CA PHE A 171 -15.37 -25.76 -0.03
C PHE A 171 -16.17 -26.34 1.13
N VAL A 172 -17.40 -25.87 1.30
CA VAL A 172 -18.25 -26.32 2.42
C VAL A 172 -19.01 -27.63 2.15
N ARG A 173 -19.37 -27.87 0.90
CA ARG A 173 -19.93 -29.16 0.52
C ARG A 173 -18.83 -30.14 0.86
N GLY A 174 -17.60 -29.73 0.61
CA GLY A 174 -16.43 -30.52 0.96
C GLY A 174 -16.34 -30.85 2.43
N LEU A 175 -16.71 -29.91 3.27
CA LEU A 175 -16.67 -30.10 4.73
C LEU A 175 -17.81 -30.99 5.19
N LEU A 176 -18.98 -30.81 4.59
CA LEU A 176 -20.15 -31.55 4.99
C LEU A 176 -19.95 -33.06 4.84
N GLU A 177 -19.16 -33.45 3.84
CA GLU A 177 -18.77 -34.84 3.65
C GLU A 177 -17.70 -35.22 4.64
N ALA A 178 -16.62 -34.46 4.64
CA ALA A 178 -15.45 -34.76 5.45
C ALA A 178 -15.74 -34.79 6.96
N GLY A 179 -16.77 -34.06 7.37
CA GLY A 179 -17.13 -34.00 8.77
C GLY A 179 -18.46 -34.65 9.11
N LYS A 180 -19.12 -35.26 8.12
CA LYS A 180 -20.46 -35.85 8.32
C LYS A 180 -20.62 -36.51 9.69
N SER A 181 -19.70 -37.41 10.04
CA SER A 181 -19.72 -38.12 11.32
C SER A 181 -19.74 -37.15 12.52
N ASP A 182 -18.68 -36.35 12.65
CA ASP A 182 -18.61 -35.32 13.69
C ASP A 182 -19.84 -34.43 13.73
N LEU A 183 -20.37 -34.08 12.55
CA LEU A 183 -21.49 -33.16 12.44
C LEU A 183 -22.81 -33.68 13.02
N GLU A 184 -23.10 -34.96 12.77
CA GLU A 184 -24.41 -35.54 13.11
C GLU A 184 -24.39 -36.23 14.45
N LYS A 185 -23.32 -36.02 15.21
CA LYS A 185 -23.12 -36.74 16.47
C LYS A 185 -24.17 -36.44 17.52
N GLN A 186 -24.46 -37.45 18.33
CA GLN A 186 -25.39 -37.33 19.42
C GLN A 186 -24.61 -37.45 20.71
N GLU A 187 -24.71 -36.44 21.56
CA GLU A 187 -24.19 -36.53 22.91
C GLU A 187 -25.39 -36.40 23.84
N LYS A 188 -25.52 -37.32 24.79
CA LYS A 188 -26.71 -37.37 25.65
C LYS A 188 -26.62 -36.35 26.77
N PRO A 189 -27.72 -35.61 27.02
CA PRO A 189 -27.71 -34.65 28.11
C PRO A 189 -27.67 -35.35 29.47
N VAL A 190 -27.20 -34.63 30.48
CA VAL A 190 -27.12 -35.14 31.84
C VAL A 190 -27.74 -34.09 32.78
N ALA A 191 -28.87 -34.44 33.39
CA ALA A 191 -29.67 -33.47 34.14
C ALA A 191 -29.64 -33.64 35.66
N TRP A 192 -29.58 -32.51 36.36
CA TRP A 192 -29.63 -32.52 37.83
C TRP A 192 -30.36 -31.31 38.43
N LEU A 193 -31.19 -31.57 39.44
CA LEU A 193 -32.03 -30.53 40.04
C LEU A 193 -31.30 -29.79 41.17
N SER A 194 -31.68 -28.54 41.41
CA SER A 194 -31.25 -27.78 42.60
C SER A 194 -32.27 -26.71 42.90
N SER A 195 -32.02 -25.87 43.92
CA SER A 195 -32.89 -24.71 44.17
C SER A 195 -32.27 -23.61 45.03
N VAL A 196 -32.76 -22.39 44.82
CA VAL A 196 -32.43 -21.25 45.66
C VAL A 196 -33.70 -20.62 46.20
N PRO A 197 -33.58 -19.81 47.27
CA PRO A 197 -34.74 -19.07 47.74
C PRO A 197 -35.11 -17.98 46.75
N SER A 198 -36.40 -17.83 46.46
CA SER A 198 -36.87 -16.76 45.58
C SER A 198 -36.81 -15.41 46.29
N SER A 199 -36.93 -14.34 45.50
CA SER A 199 -37.04 -12.97 46.02
C SER A 199 -38.23 -12.86 47.00
N ALA A 200 -39.43 -13.17 46.48
CA ALA A 200 -40.65 -13.18 47.27
C ALA A 200 -40.53 -14.10 48.49
N HIS A 201 -41.03 -13.63 49.62
CA HIS A 201 -41.05 -14.39 50.87
C HIS A 201 -41.89 -15.68 50.73
N GLY A 202 -41.34 -16.79 51.22
CA GLY A 202 -42.02 -18.10 51.22
C GLY A 202 -42.16 -18.71 49.83
N HIS A 203 -41.30 -18.26 48.92
CA HIS A 203 -41.29 -18.72 47.54
C HIS A 203 -39.92 -19.29 47.22
N ARG A 204 -39.88 -20.33 46.41
CA ARG A 204 -38.62 -20.92 45.99
C ARG A 204 -38.49 -20.98 44.49
N GLN A 205 -37.23 -20.99 44.05
CA GLN A 205 -36.88 -21.12 42.65
C GLN A 205 -36.16 -22.45 42.43
N LEU A 206 -36.73 -23.28 41.56
CA LEU A 206 -36.20 -24.61 41.29
C LEU A 206 -35.46 -24.62 39.98
N VAL A 207 -34.22 -25.07 39.99
CA VAL A 207 -33.38 -25.04 38.82
C VAL A 207 -33.08 -26.44 38.31
N CYS A 208 -33.41 -26.67 37.05
CA CYS A 208 -33.18 -27.97 36.40
C CYS A 208 -32.01 -27.90 35.42
N HIS A 209 -30.86 -28.43 35.81
CA HIS A 209 -29.67 -28.32 34.98
C HIS A 209 -29.58 -29.43 33.92
N VAL A 210 -29.39 -29.00 32.67
CA VAL A 210 -29.14 -29.91 31.55
C VAL A 210 -27.77 -29.60 30.96
N SER A 211 -26.94 -30.61 30.81
CA SER A 211 -25.55 -30.38 30.38
C SER A 211 -25.01 -31.53 29.52
N GLY A 212 -24.17 -31.18 28.55
CA GLY A 212 -23.47 -32.17 27.73
C GLY A 212 -24.18 -32.68 26.48
N PHE A 213 -25.26 -32.01 26.07
CA PHE A 213 -26.02 -32.43 24.90
C PHE A 213 -25.53 -31.87 23.57
N TYR A 214 -25.74 -32.67 22.52
CA TYR A 214 -25.47 -32.30 21.13
C TYR A 214 -26.31 -33.16 20.20
N PRO A 215 -26.93 -32.56 19.16
CA PRO A 215 -26.87 -31.17 18.71
C PRO A 215 -27.80 -30.26 19.53
N LYS A 216 -27.99 -29.04 19.06
CA LYS A 216 -28.59 -28.00 19.89
C LYS A 216 -30.06 -28.13 20.33
N PRO A 217 -30.97 -28.55 19.43
CA PRO A 217 -32.38 -28.55 19.87
C PRO A 217 -32.61 -29.37 21.13
N VAL A 218 -33.33 -28.78 22.09
CA VAL A 218 -33.61 -29.38 23.38
C VAL A 218 -34.92 -28.83 23.93
N TRP A 219 -35.69 -29.70 24.57
CA TRP A 219 -36.95 -29.32 25.18
C TRP A 219 -36.78 -29.59 26.67
N VAL A 220 -37.01 -28.58 27.49
CA VAL A 220 -36.89 -28.71 28.93
C VAL A 220 -38.08 -28.02 29.60
N MET A 221 -38.84 -28.79 30.38
CA MET A 221 -40.04 -28.28 31.02
C MET A 221 -40.23 -28.86 32.40
N TRP A 222 -40.76 -28.05 33.31
CA TRP A 222 -41.22 -28.53 34.60
C TRP A 222 -42.66 -29.03 34.50
N MET A 223 -42.96 -30.11 35.20
CA MET A 223 -44.23 -30.82 35.03
C MET A 223 -44.85 -31.28 36.34
N ARG A 224 -46.17 -31.14 36.43
CA ARG A 224 -46.92 -31.90 37.42
C ARG A 224 -47.72 -32.96 36.67
N GLY A 225 -47.14 -34.15 36.60
CA GLY A 225 -47.67 -35.25 35.80
C GLY A 225 -47.56 -34.86 34.34
N ASP A 226 -48.63 -35.14 33.60
CA ASP A 226 -48.77 -34.76 32.19
C ASP A 226 -48.77 -33.25 31.97
N GLN A 227 -49.28 -32.51 32.95
CA GLN A 227 -49.44 -31.06 32.84
C GLN A 227 -48.11 -30.33 32.87
N GLU A 228 -47.86 -29.52 31.83
CA GLU A 228 -46.68 -28.66 31.76
C GLU A 228 -46.90 -27.41 32.62
N GLN A 229 -45.93 -27.11 33.47
CA GLN A 229 -46.00 -25.91 34.31
C GLN A 229 -45.63 -24.67 33.49
N GLN A 230 -46.56 -23.73 33.35
CA GLN A 230 -46.35 -22.59 32.45
C GLN A 230 -45.33 -21.56 32.93
N GLY A 231 -44.98 -21.62 34.22
CA GLY A 231 -44.02 -20.68 34.79
C GLY A 231 -42.55 -20.99 34.53
N THR A 232 -42.30 -21.94 33.63
CA THR A 232 -40.94 -22.37 33.28
C THR A 232 -40.22 -21.32 32.45
N HIS A 233 -39.02 -20.94 32.89
CA HIS A 233 -38.21 -19.98 32.16
C HIS A 233 -36.92 -20.65 31.68
N ARG A 234 -36.80 -20.86 30.38
CA ARG A 234 -35.56 -21.34 29.79
C ARG A 234 -34.50 -20.25 29.81
N GLY A 235 -33.27 -20.63 30.13
CA GLY A 235 -32.12 -19.73 30.06
C GLY A 235 -31.51 -19.79 28.67
N ASP A 236 -30.39 -19.12 28.48
CA ASP A 236 -29.72 -19.13 27.18
C ASP A 236 -28.78 -20.34 27.06
N PHE A 237 -28.67 -20.87 25.84
CA PHE A 237 -27.75 -21.96 25.55
C PHE A 237 -26.30 -21.56 25.86
N LEU A 238 -25.69 -22.24 26.80
CA LEU A 238 -24.30 -21.96 27.17
C LEU A 238 -23.36 -23.05 26.70
N PRO A 239 -22.19 -22.68 26.19
CA PRO A 239 -21.28 -23.70 25.66
C PRO A 239 -20.46 -24.38 26.74
N ASN A 240 -20.34 -25.69 26.60
CA ASN A 240 -19.28 -26.40 27.28
C ASN A 240 -18.06 -26.31 26.38
N ALA A 241 -16.87 -26.59 26.91
CA ALA A 241 -15.64 -26.51 26.13
C ALA A 241 -15.44 -27.73 25.24
N ASP A 242 -16.10 -28.84 25.58
CA ASP A 242 -15.98 -30.07 24.81
C ASP A 242 -17.00 -30.13 23.67
N GLU A 243 -17.38 -28.96 23.16
CA GLU A 243 -18.37 -28.81 22.08
C GLU A 243 -19.70 -29.50 22.37
N THR A 244 -20.16 -29.34 23.61
CA THR A 244 -21.51 -29.74 24.00
C THR A 244 -22.23 -28.51 24.57
N TRP A 245 -23.51 -28.64 24.85
CA TRP A 245 -24.28 -27.49 25.32
C TRP A 245 -24.83 -27.65 26.71
N TYR A 246 -25.09 -26.53 27.37
CA TYR A 246 -25.69 -26.51 28.69
C TYR A 246 -26.87 -25.53 28.71
N LEU A 247 -27.99 -25.99 29.27
CA LEU A 247 -29.20 -25.17 29.43
C LEU A 247 -29.82 -25.38 30.80
N GLN A 248 -30.46 -24.36 31.34
CA GLN A 248 -31.20 -24.50 32.61
C GLN A 248 -32.59 -23.86 32.59
N ALA A 249 -33.59 -24.60 33.09
CA ALA A 249 -34.95 -24.09 33.17
C ALA A 249 -35.37 -23.92 34.63
N THR A 250 -35.73 -22.70 35.01
CA THR A 250 -36.09 -22.43 36.39
C THR A 250 -37.56 -22.06 36.54
N LEU A 251 -38.24 -22.79 37.44
CA LEU A 251 -39.62 -22.49 37.84
C LEU A 251 -39.65 -21.88 39.24
N ASP A 252 -40.69 -21.07 39.50
CA ASP A 252 -40.87 -20.40 40.79
C ASP A 252 -42.15 -20.92 41.47
N VAL A 253 -42.02 -21.33 42.73
CA VAL A 253 -43.16 -21.92 43.47
C VAL A 253 -43.16 -21.64 44.98
N GLU A 254 -44.34 -21.81 45.59
CA GLU A 254 -44.50 -21.72 47.05
C GLU A 254 -43.77 -22.88 47.74
N ALA A 255 -43.09 -22.60 48.85
CA ALA A 255 -42.39 -23.64 49.61
C ALA A 255 -43.35 -24.75 50.03
N GLY A 256 -42.97 -26.00 49.74
CA GLY A 256 -43.83 -27.15 49.99
C GLY A 256 -44.56 -27.64 48.75
N GLU A 257 -44.56 -26.82 47.70
CA GLU A 257 -45.26 -27.13 46.46
C GLU A 257 -44.39 -27.99 45.52
N GLU A 258 -43.16 -28.26 45.94
CA GLU A 258 -42.19 -28.96 45.09
C GLU A 258 -42.50 -30.45 44.89
N ALA A 259 -43.05 -31.09 45.91
CA ALA A 259 -43.38 -32.50 45.81
C ALA A 259 -44.33 -32.75 44.65
N GLY A 260 -43.96 -33.70 43.79
CA GLY A 260 -44.78 -34.06 42.63
C GLY A 260 -44.33 -33.39 41.34
N LEU A 261 -43.44 -32.41 41.47
CA LEU A 261 -42.88 -31.74 40.30
C LEU A 261 -41.75 -32.58 39.72
N ALA A 262 -41.60 -32.49 38.40
CA ALA A 262 -40.58 -33.24 37.66
C ALA A 262 -40.01 -32.39 36.53
N CYS A 263 -38.71 -32.55 36.26
CA CYS A 263 -38.07 -31.88 35.15
C CYS A 263 -37.92 -32.80 33.94
N ARG A 264 -38.84 -32.68 32.99
CA ARG A 264 -38.81 -33.47 31.76
C ARG A 264 -37.86 -32.88 30.70
N VAL A 265 -36.98 -33.72 30.17
CA VAL A 265 -36.06 -33.35 29.08
C VAL A 265 -36.34 -34.20 27.84
N LYS A 266 -36.34 -33.56 26.69
CA LYS A 266 -36.47 -34.26 25.41
C LYS A 266 -35.26 -33.93 24.57
N HIS A 267 -34.72 -34.92 23.89
CA HIS A 267 -33.55 -34.72 23.06
C HIS A 267 -33.42 -35.82 22.02
N SER A 268 -32.78 -35.48 20.91
CA SER A 268 -32.57 -36.39 19.79
C SER A 268 -31.66 -37.56 20.13
N SER A 269 -30.82 -37.42 21.15
CA SER A 269 -29.85 -38.45 21.50
C SER A 269 -30.46 -39.58 22.32
N LEU A 270 -31.70 -39.38 22.77
CA LEU A 270 -32.27 -40.22 23.82
C LEU A 270 -33.15 -41.36 23.33
N GLY A 271 -33.27 -41.47 22.00
CA GLY A 271 -34.27 -42.35 21.40
C GLY A 271 -35.62 -41.81 21.82
N GLY A 272 -36.60 -42.69 22.01
CA GLY A 272 -37.92 -42.27 22.46
C GLY A 272 -38.01 -41.97 23.95
N GLN A 273 -36.89 -42.11 24.66
CA GLN A 273 -36.84 -42.11 26.14
C GLN A 273 -36.53 -40.76 26.79
N ASP A 274 -37.57 -40.03 27.15
CA ASP A 274 -37.42 -38.73 27.80
C ASP A 274 -36.83 -38.85 29.20
N ILE A 275 -35.87 -37.97 29.49
CA ILE A 275 -35.34 -37.82 30.84
C ILE A 275 -36.36 -37.15 31.75
N ILE A 276 -36.91 -37.91 32.69
CA ILE A 276 -37.85 -37.35 33.65
C ILE A 276 -37.26 -37.43 35.06
N LEU A 277 -36.91 -36.27 35.62
CA LEU A 277 -36.40 -36.19 36.99
C LEU A 277 -37.48 -35.71 37.95
N TYR A 278 -38.02 -36.61 38.77
CA TYR A 278 -39.01 -36.20 39.78
C TYR A 278 -38.30 -35.53 40.94
N TRP A 279 -38.97 -34.58 41.60
CA TRP A 279 -38.30 -33.67 42.53
C TRP A 279 -37.56 -34.34 43.68
N GLY A 280 -38.28 -34.99 44.58
CA GLY A 280 -37.63 -35.61 45.73
C GLY A 280 -37.24 -37.05 45.44
N SER A 281 -36.66 -37.27 44.26
CA SER A 281 -36.39 -38.62 43.79
C SER A 281 -35.29 -39.27 44.60
N LEU A 282 -35.23 -40.61 44.58
CA LEU A 282 -34.13 -41.35 45.22
C LEU A 282 -32.76 -40.74 44.89
N HIS A 283 -32.63 -40.26 43.66
CA HIS A 283 -31.39 -39.76 43.13
C HIS A 283 -31.17 -38.28 43.44
N HIS A 284 -32.25 -37.52 43.48
CA HIS A 284 -32.13 -36.12 43.87
C HIS A 284 -31.61 -36.06 45.29
N ILE A 285 -32.28 -36.78 46.19
CA ILE A 285 -31.86 -36.85 47.60
C ILE A 285 -30.37 -37.12 47.75
N LEU A 286 -29.88 -38.11 46.99
CA LEU A 286 -28.49 -38.53 47.09
C LEU A 286 -27.52 -37.56 46.45
N ASP A 287 -27.86 -37.05 45.26
CA ASP A 287 -26.98 -36.13 44.55
C ASP A 287 -26.81 -34.80 45.27
N ALA A 288 -27.91 -34.34 45.89
CA ALA A 288 -27.92 -33.11 46.64
C ALA A 288 -27.01 -33.25 47.85
N GLN A 289 -26.96 -34.44 48.43
CA GLN A 289 -26.06 -34.76 49.54
C GLN A 289 -24.59 -34.63 49.15
N LYS A 290 -24.28 -34.99 47.91
CA LYS A 290 -22.93 -34.88 47.38
C LYS A 290 -22.59 -33.42 47.03
N MET A 291 -23.56 -32.53 47.16
CA MET A 291 -23.44 -31.12 46.74
C MET A 291 -23.36 -30.12 47.88
N VAL A 292 -23.84 -30.50 49.06
CA VAL A 292 -23.87 -29.60 50.21
C VAL A 292 -22.61 -28.75 50.27
N TRP A 293 -22.81 -27.45 50.47
CA TRP A 293 -21.69 -26.53 50.62
C TRP A 293 -22.02 -25.44 51.61
N ASN A 294 -20.98 -24.79 52.12
CA ASN A 294 -21.10 -23.85 53.23
C ASN A 294 -21.84 -22.53 52.89
N HIS A 295 -22.11 -22.28 51.62
CA HIS A 295 -22.72 -21.01 51.16
C HIS A 295 -21.86 -19.82 51.63
N ILE B 1 -16.46 2.68 27.34
CA ILE B 1 -16.40 1.66 26.26
C ILE B 1 -17.79 1.10 25.91
N GLN B 2 -17.94 0.71 24.65
CA GLN B 2 -19.24 0.35 24.06
C GLN B 2 -20.17 -0.50 24.94
N LYS B 3 -19.72 -1.67 25.40
CA LYS B 3 -20.63 -2.60 26.11
C LYS B 3 -20.04 -3.34 27.31
N THR B 4 -20.93 -3.75 28.21
CA THR B 4 -20.57 -4.39 29.47
C THR B 4 -20.76 -5.90 29.41
N PRO B 5 -19.73 -6.66 29.84
CA PRO B 5 -19.77 -8.12 29.81
C PRO B 5 -20.89 -8.71 30.65
N GLN B 6 -21.59 -9.69 30.09
CA GLN B 6 -22.47 -10.54 30.87
C GLN B 6 -21.61 -11.75 31.24
N ILE B 7 -21.58 -12.08 32.53
CA ILE B 7 -20.77 -13.18 33.04
C ILE B 7 -21.64 -14.30 33.61
N GLN B 8 -21.31 -15.53 33.22
CA GLN B 8 -22.00 -16.73 33.68
C GLN B 8 -20.98 -17.80 34.05
N VAL B 9 -21.08 -18.30 35.29
CA VAL B 9 -20.16 -19.30 35.84
C VAL B 9 -20.90 -20.58 36.18
N TYR B 10 -20.53 -21.68 35.53
CA TYR B 10 -21.23 -22.95 35.67
C TYR B 10 -20.26 -24.12 35.47
N SER B 11 -20.67 -25.33 35.87
CA SER B 11 -19.77 -26.49 35.76
C SER B 11 -20.17 -27.47 34.64
N ARG B 12 -19.20 -28.20 34.13
CA ARG B 12 -19.42 -29.13 33.03
C ARG B 12 -20.35 -30.25 33.46
N HIS B 13 -20.05 -30.82 34.61
CA HIS B 13 -20.81 -31.94 35.15
C HIS B 13 -21.50 -31.54 36.46
N PRO B 14 -22.49 -32.34 36.90
CA PRO B 14 -23.09 -32.13 38.23
C PRO B 14 -21.98 -32.19 39.28
N PRO B 15 -22.00 -31.28 40.26
CA PRO B 15 -20.91 -31.21 41.21
C PRO B 15 -21.05 -32.20 42.37
N GLU B 16 -20.08 -33.09 42.51
CA GLU B 16 -20.00 -33.95 43.68
C GLU B 16 -18.77 -33.51 44.46
N ASN B 17 -18.96 -33.18 45.73
CA ASN B 17 -17.87 -32.72 46.57
C ASN B 17 -16.64 -33.64 46.53
N GLY B 18 -15.47 -33.03 46.33
CA GLY B 18 -14.21 -33.77 46.24
C GLY B 18 -14.08 -34.69 45.03
N LYS B 19 -14.93 -34.52 44.02
CA LYS B 19 -14.74 -35.26 42.76
C LYS B 19 -14.47 -34.29 41.61
N PRO B 20 -13.41 -34.55 40.82
CA PRO B 20 -12.92 -33.60 39.81
C PRO B 20 -13.94 -33.33 38.72
N ASN B 21 -14.05 -32.05 38.35
CA ASN B 21 -15.04 -31.53 37.41
C ASN B 21 -14.34 -30.49 36.50
N ILE B 22 -15.13 -29.77 35.70
CA ILE B 22 -14.62 -28.66 34.88
C ILE B 22 -15.51 -27.45 35.11
N LEU B 23 -14.89 -26.30 35.35
CA LEU B 23 -15.67 -25.10 35.57
C LEU B 23 -15.60 -24.14 34.39
N ASN B 24 -16.77 -23.81 33.85
CA ASN B 24 -16.88 -22.88 32.74
C ASN B 24 -17.17 -21.45 33.22
N CYS B 25 -16.49 -20.49 32.59
CA CYS B 25 -16.86 -19.09 32.74
C CYS B 25 -17.06 -18.46 31.35
N TYR B 26 -18.31 -18.21 31.01
CA TYR B 26 -18.72 -17.76 29.68
C TYR B 26 -19.05 -16.28 29.70
N VAL B 27 -18.17 -15.46 29.12
CA VAL B 27 -18.34 -14.01 29.06
C VAL B 27 -18.91 -13.57 27.72
N THR B 28 -19.96 -12.75 27.76
CA THR B 28 -20.70 -12.38 26.55
C THR B 28 -21.09 -10.92 26.50
N GLN B 29 -21.62 -10.51 25.34
CA GLN B 29 -22.25 -9.21 25.14
C GLN B 29 -21.33 -8.03 25.44
N PHE B 30 -20.04 -8.19 25.15
CA PHE B 30 -19.09 -7.13 25.43
C PHE B 30 -18.41 -6.54 24.21
N HIS B 31 -17.97 -5.28 24.36
CA HIS B 31 -17.37 -4.52 23.28
C HIS B 31 -16.68 -3.29 23.84
N PRO B 32 -15.42 -3.04 23.45
CA PRO B 32 -14.45 -3.73 22.56
C PRO B 32 -14.07 -5.17 22.95
N PRO B 33 -13.44 -5.91 22.00
CA PRO B 33 -13.00 -7.28 22.22
C PRO B 33 -11.87 -7.45 23.23
N HIS B 34 -11.06 -6.42 23.45
CA HIS B 34 -9.99 -6.56 24.44
C HIS B 34 -10.56 -6.67 25.83
N ILE B 35 -10.16 -7.71 26.55
CA ILE B 35 -10.72 -8.04 27.85
C ILE B 35 -9.72 -8.89 28.64
N GLU B 36 -9.80 -8.86 29.96
CA GLU B 36 -8.88 -9.63 30.80
C GLU B 36 -9.70 -10.56 31.69
N ILE B 37 -9.50 -11.85 31.53
CA ILE B 37 -10.23 -12.86 32.31
C ILE B 37 -9.30 -13.73 33.15
N GLN B 38 -9.70 -13.99 34.39
CA GLN B 38 -9.02 -14.96 35.26
C GLN B 38 -10.01 -15.69 36.14
N MET B 39 -9.66 -16.92 36.50
CA MET B 39 -10.50 -17.75 37.35
C MET B 39 -9.80 -17.99 38.69
N LEU B 40 -10.58 -17.90 39.77
CA LEU B 40 -10.04 -17.87 41.14
C LEU B 40 -10.54 -18.99 42.07
N LYS B 41 -9.60 -19.74 42.64
CA LYS B 41 -9.88 -20.68 43.74
C LYS B 41 -9.50 -20.03 45.06
N ASN B 42 -10.50 -19.59 45.83
CA ASN B 42 -10.27 -18.89 47.10
C ASN B 42 -9.45 -17.62 46.94
N GLY B 43 -9.96 -16.68 46.12
CA GLY B 43 -9.32 -15.38 45.90
C GLY B 43 -7.99 -15.42 45.18
N LYS B 44 -7.47 -16.64 44.96
CA LYS B 44 -6.18 -16.85 44.30
C LYS B 44 -6.37 -17.23 42.83
N LYS B 45 -5.40 -16.85 42.01
CA LYS B 45 -5.45 -17.06 40.55
C LYS B 45 -5.20 -18.52 40.19
N ILE B 46 -6.12 -19.14 39.44
CA ILE B 46 -5.99 -20.56 39.09
C ILE B 46 -4.94 -20.77 37.98
N PRO B 47 -3.85 -21.49 38.31
CA PRO B 47 -2.63 -21.49 37.49
C PRO B 47 -2.88 -21.63 35.99
N LYS B 48 -3.72 -22.60 35.64
CA LYS B 48 -3.82 -23.05 34.26
C LYS B 48 -5.24 -22.97 33.73
N VAL B 49 -5.73 -21.74 33.56
CA VAL B 49 -7.01 -21.49 32.92
C VAL B 49 -6.79 -21.61 31.42
N GLU B 50 -7.70 -22.30 30.75
CA GLU B 50 -7.61 -22.44 29.30
C GLU B 50 -8.73 -21.67 28.62
N MET B 51 -8.37 -20.91 27.58
CA MET B 51 -9.31 -20.04 26.89
C MET B 51 -9.73 -20.62 25.55
N SER B 52 -11.01 -20.45 25.23
CA SER B 52 -11.51 -20.70 23.87
C SER B 52 -11.02 -19.56 22.99
N ASP B 53 -11.20 -19.68 21.69
CA ASP B 53 -10.87 -18.59 20.80
C ASP B 53 -11.97 -17.53 20.86
N MET B 54 -11.58 -16.27 20.81
CA MET B 54 -12.53 -15.16 20.79
C MET B 54 -13.39 -15.26 19.54
N SER B 55 -14.65 -14.89 19.68
CA SER B 55 -15.62 -15.02 18.59
C SER B 55 -16.77 -14.05 18.79
N PHE B 56 -17.64 -13.95 17.79
CA PHE B 56 -18.83 -13.13 17.93
C PHE B 56 -20.06 -13.75 17.26
N SER B 57 -21.23 -13.22 17.62
CA SER B 57 -22.51 -13.78 17.24
C SER B 57 -23.16 -12.91 16.17
N LYS B 58 -24.33 -13.30 15.70
CA LYS B 58 -24.94 -12.59 14.58
C LYS B 58 -25.11 -11.12 14.91
N ASP B 59 -25.48 -10.82 16.15
CA ASP B 59 -25.62 -9.42 16.57
C ASP B 59 -24.29 -8.71 16.84
N TRP B 60 -23.20 -9.26 16.32
CA TRP B 60 -21.89 -8.59 16.34
C TRP B 60 -21.25 -8.46 17.72
N SER B 61 -21.85 -9.11 18.72
CA SER B 61 -21.34 -9.01 20.09
C SER B 61 -20.40 -10.16 20.41
N PHE B 62 -19.22 -9.81 20.92
CA PHE B 62 -18.18 -10.77 21.27
C PHE B 62 -18.57 -11.74 22.37
N TYR B 63 -17.99 -12.94 22.32
CA TYR B 63 -18.07 -13.90 23.40
C TYR B 63 -16.82 -14.74 23.48
N ILE B 64 -16.65 -15.41 24.62
CA ILE B 64 -15.45 -16.19 24.89
C ILE B 64 -15.73 -17.06 26.12
N LEU B 65 -15.24 -18.29 26.08
CA LEU B 65 -15.45 -19.25 27.15
C LEU B 65 -14.12 -19.54 27.83
N ALA B 66 -14.05 -19.26 29.13
CA ALA B 66 -12.91 -19.65 29.93
C ALA B 66 -13.29 -20.90 30.71
N HIS B 67 -12.35 -21.83 30.82
CA HIS B 67 -12.60 -23.07 31.56
C HIS B 67 -11.36 -23.65 32.24
N THR B 68 -11.58 -24.39 33.31
CA THR B 68 -10.52 -24.94 34.14
C THR B 68 -10.95 -26.24 34.80
N GLU B 69 -9.98 -27.11 35.05
CA GLU B 69 -10.23 -28.28 35.90
C GLU B 69 -10.25 -27.80 37.35
N PHE B 70 -11.28 -28.22 38.07
CA PHE B 70 -11.43 -27.89 39.47
C PHE B 70 -12.05 -29.07 40.22
N THR B 71 -11.99 -29.01 41.55
CA THR B 71 -12.64 -30.04 42.34
C THR B 71 -13.47 -29.37 43.45
N PRO B 72 -14.82 -29.38 43.29
CA PRO B 72 -15.74 -28.66 44.15
C PRO B 72 -15.83 -29.28 45.54
N THR B 73 -15.84 -28.44 46.56
CA THR B 73 -15.98 -28.94 47.93
C THR B 73 -16.97 -28.10 48.71
N GLU B 74 -17.06 -28.38 50.00
CA GLU B 74 -17.99 -27.67 50.88
C GLU B 74 -17.56 -26.23 51.10
N THR B 75 -16.26 -25.99 51.17
CA THR B 75 -15.72 -24.72 51.65
C THR B 75 -14.85 -23.98 50.64
N ASP B 76 -14.34 -24.68 49.63
CA ASP B 76 -13.55 -24.03 48.57
C ASP B 76 -14.46 -23.12 47.75
N THR B 77 -13.99 -21.90 47.49
CA THR B 77 -14.75 -20.92 46.69
C THR B 77 -14.11 -20.70 45.32
N TYR B 78 -14.96 -20.64 44.30
CA TYR B 78 -14.49 -20.46 42.94
C TYR B 78 -15.19 -19.28 42.26
N ALA B 79 -14.41 -18.37 41.71
CA ALA B 79 -14.96 -17.16 41.07
C ALA B 79 -14.34 -16.88 39.70
N CYS B 80 -15.01 -16.03 38.92
CA CYS B 80 -14.51 -15.58 37.63
C CYS B 80 -14.47 -14.06 37.64
N ARG B 81 -13.27 -13.50 37.52
CA ARG B 81 -13.07 -12.06 37.54
C ARG B 81 -12.74 -11.53 36.15
N VAL B 82 -13.47 -10.50 35.73
CA VAL B 82 -13.27 -9.91 34.42
C VAL B 82 -12.76 -8.47 34.54
N LYS B 83 -11.79 -8.11 33.70
CA LYS B 83 -11.38 -6.72 33.54
C LYS B 83 -11.70 -6.25 32.13
N HIS B 84 -12.53 -5.22 32.03
CA HIS B 84 -12.95 -4.65 30.76
C HIS B 84 -13.04 -3.13 30.90
N ALA B 85 -12.89 -2.42 29.79
CA ALA B 85 -12.87 -0.95 29.81
C ALA B 85 -14.20 -0.31 30.20
N SER B 86 -15.31 -0.96 29.84
CA SER B 86 -16.65 -0.47 30.19
C SER B 86 -16.94 -0.66 31.69
N MET B 87 -15.90 -1.03 32.43
CA MET B 87 -15.98 -1.18 33.87
C MET B 87 -14.78 -0.51 34.51
N ALA B 88 -15.05 0.45 35.39
CA ALA B 88 -14.00 1.15 36.13
C ALA B 88 -13.29 0.18 37.06
N GLU B 89 -14.07 -0.73 37.65
CA GLU B 89 -13.56 -1.73 38.56
C GLU B 89 -13.77 -3.13 37.99
N PRO B 90 -12.85 -4.08 38.27
CA PRO B 90 -13.08 -5.45 37.81
C PRO B 90 -14.37 -6.01 38.41
N LYS B 91 -15.05 -6.88 37.68
CA LYS B 91 -16.28 -7.50 38.18
C LYS B 91 -16.05 -8.98 38.45
N THR B 92 -16.19 -9.36 39.72
CA THR B 92 -15.99 -10.74 40.09
C THR B 92 -17.34 -11.40 40.30
N VAL B 93 -17.52 -12.56 39.70
CA VAL B 93 -18.75 -13.35 39.85
C VAL B 93 -18.39 -14.70 40.45
N TYR B 94 -19.12 -15.09 41.49
CA TYR B 94 -18.83 -16.34 42.20
C TYR B 94 -19.67 -17.49 41.69
N TRP B 95 -19.05 -18.67 41.63
CA TRP B 95 -19.77 -19.89 41.27
C TRP B 95 -20.78 -20.18 42.37
N ASP B 96 -21.99 -20.51 41.96
CA ASP B 96 -23.03 -20.84 42.92
C ASP B 96 -23.76 -22.02 42.32
N ARG B 97 -23.45 -23.21 42.82
CA ARG B 97 -23.91 -24.47 42.22
C ARG B 97 -25.42 -24.65 42.24
N ASP B 98 -26.11 -23.80 43.02
CA ASP B 98 -27.55 -23.95 43.23
C ASP B 98 -28.43 -23.13 42.27
N MET B 99 -27.84 -22.14 41.61
CA MET B 99 -28.59 -21.34 40.63
C MET B 99 -27.99 -21.40 39.22
N THR C 1 16.26 -2.83 -4.39
CA THR C 1 14.87 -2.64 -3.88
C THR C 1 14.00 -3.85 -4.23
N GLN C 2 12.74 -3.61 -4.55
CA GLN C 2 11.80 -4.67 -4.91
C GLN C 2 11.45 -4.63 -6.39
N VAL C 3 12.10 -3.72 -7.11
CA VAL C 3 12.01 -3.60 -8.56
C VAL C 3 13.43 -3.49 -9.12
N GLU C 4 13.85 -4.50 -9.87
CA GLU C 4 15.17 -4.53 -10.51
C GLU C 4 15.02 -4.35 -12.02
N GLN C 5 15.68 -3.33 -12.56
CA GLN C 5 15.69 -3.13 -14.00
C GLN C 5 17.04 -3.52 -14.60
N SER C 6 17.00 -4.19 -15.75
CA SER C 6 18.23 -4.60 -16.45
C SER C 6 18.16 -4.33 -17.97
N PRO C 7 19.31 -3.96 -18.58
CA PRO C 7 20.56 -3.63 -17.91
C PRO C 7 20.55 -2.17 -17.45
N GLN C 8 21.65 -1.70 -16.87
CA GLN C 8 21.69 -0.37 -16.28
C GLN C 8 21.78 0.68 -17.38
N SER C 9 22.34 0.27 -18.52
CA SER C 9 22.55 1.15 -19.65
C SER C 9 22.43 0.36 -20.94
N LEU C 10 21.65 0.85 -21.88
CA LEU C 10 21.54 0.20 -23.19
C LEU C 10 22.05 1.12 -24.28
N VAL C 11 22.66 0.50 -25.28
CA VAL C 11 23.15 1.20 -26.47
C VAL C 11 22.60 0.51 -27.72
N VAL C 12 21.93 1.29 -28.57
CA VAL C 12 21.36 0.73 -29.79
C VAL C 12 21.54 1.72 -30.95
N ARG C 13 21.64 1.19 -32.16
CA ARG C 13 21.69 2.01 -33.36
C ARG C 13 20.33 2.61 -33.67
N GLN C 14 20.31 3.83 -34.19
CA GLN C 14 19.08 4.45 -34.64
C GLN C 14 18.38 3.57 -35.67
N GLY C 15 17.09 3.35 -35.47
CA GLY C 15 16.30 2.52 -36.38
C GLY C 15 16.23 1.07 -35.95
N GLU C 16 17.13 0.67 -35.06
CA GLU C 16 17.09 -0.67 -34.48
C GLU C 16 16.03 -0.80 -33.40
N ASN C 17 15.75 -2.04 -33.03
CA ASN C 17 14.81 -2.36 -31.96
C ASN C 17 15.58 -2.60 -30.67
N SER C 18 15.14 -1.96 -29.60
CA SER C 18 15.80 -2.11 -28.31
C SER C 18 14.85 -2.67 -27.27
N VAL C 19 15.37 -3.55 -26.43
CA VAL C 19 14.57 -4.26 -25.46
C VAL C 19 14.99 -3.92 -24.01
N LEU C 20 14.02 -3.48 -23.20
CA LEU C 20 14.29 -3.08 -21.81
C LEU C 20 13.59 -3.98 -20.81
N GLN C 21 14.32 -4.40 -19.78
CA GLN C 21 13.83 -5.44 -18.86
C GLN C 21 13.55 -4.94 -17.44
N CYS C 22 12.56 -5.56 -16.81
CA CYS C 22 12.19 -5.23 -15.44
C CYS C 22 11.67 -6.45 -14.72
N ASN C 23 12.32 -6.79 -13.61
CA ASN C 23 11.84 -7.85 -12.72
C ASN C 23 11.43 -7.30 -11.37
N TYR C 24 10.45 -7.92 -10.74
CA TYR C 24 9.93 -7.42 -9.46
C TYR C 24 9.61 -8.53 -8.44
N SER C 25 9.22 -8.10 -7.25
CA SER C 25 8.91 -9.00 -6.12
C SER C 25 7.76 -8.43 -5.31
N VAL C 26 7.35 -7.21 -5.68
CA VAL C 26 6.27 -6.47 -5.05
C VAL C 26 4.94 -7.23 -5.05
N THR C 27 4.21 -7.14 -3.94
CA THR C 27 3.02 -7.95 -3.73
C THR C 27 1.97 -7.23 -2.88
N PRO C 28 0.69 -7.27 -3.32
CA PRO C 28 0.29 -7.83 -4.61
C PRO C 28 0.80 -6.99 -5.79
N ASP C 29 0.67 -7.51 -7.00
CA ASP C 29 1.13 -6.82 -8.18
C ASP C 29 -0.06 -6.39 -9.00
N ASN C 30 -0.72 -5.33 -8.56
CA ASN C 30 -1.94 -4.87 -9.23
C ASN C 30 -1.65 -4.43 -10.66
N HIS C 31 -0.58 -3.65 -10.83
CA HIS C 31 -0.23 -3.13 -12.14
C HIS C 31 1.22 -2.73 -12.24
N LEU C 32 1.74 -2.83 -13.46
CA LEU C 32 3.06 -2.32 -13.80
C LEU C 32 2.91 -1.29 -14.92
N ARG C 33 3.70 -0.23 -14.84
CA ARG C 33 3.67 0.83 -15.84
C ARG C 33 5.05 1.39 -16.13
N TRP C 34 5.23 1.91 -17.35
CA TRP C 34 6.54 2.40 -17.81
C TRP C 34 6.56 3.93 -17.95
N PHE C 35 7.71 4.52 -17.65
CA PHE C 35 7.86 5.96 -17.69
C PHE C 35 9.10 6.35 -18.45
N LYS C 36 8.97 7.36 -19.29
CA LYS C 36 10.13 7.95 -19.95
C LYS C 36 10.46 9.27 -19.28
N GLN C 37 11.73 9.43 -18.94
CA GLN C 37 12.22 10.65 -18.34
C GLN C 37 13.37 11.25 -19.16
N ASP C 38 13.08 12.33 -19.88
CA ASP C 38 14.12 13.13 -20.58
C ASP C 38 15.00 13.83 -19.54
N THR C 39 16.25 14.07 -19.92
CA THR C 39 17.23 14.71 -19.04
C THR C 39 16.75 16.08 -18.55
N GLY C 40 16.70 16.24 -17.23
CA GLY C 40 16.24 17.49 -16.60
C GLY C 40 14.74 17.74 -16.68
N LYS C 41 13.95 16.65 -16.68
CA LYS C 41 12.49 16.76 -16.83
C LYS C 41 11.67 15.75 -16.03
N GLY C 42 10.36 15.74 -16.28
CA GLY C 42 9.41 14.92 -15.52
C GLY C 42 9.36 13.48 -15.99
N LEU C 43 8.45 12.71 -15.40
CA LEU C 43 8.20 11.35 -15.86
C LEU C 43 7.00 11.34 -16.77
N VAL C 44 7.20 10.86 -17.99
CA VAL C 44 6.11 10.74 -18.96
C VAL C 44 5.62 9.29 -19.04
N SER C 45 4.30 9.11 -18.98
CA SER C 45 3.71 7.78 -19.03
C SER C 45 3.76 7.19 -20.45
N LEU C 46 4.30 5.98 -20.53
CA LEU C 46 4.42 5.27 -21.78
C LEU C 46 3.29 4.27 -21.91
N THR C 47 3.24 3.31 -21.00
CA THR C 47 2.20 2.29 -21.07
C THR C 47 1.88 1.68 -19.72
N VAL C 48 0.62 1.29 -19.53
CA VAL C 48 0.12 0.75 -18.28
C VAL C 48 -0.45 -0.66 -18.49
N LEU C 49 0.11 -1.63 -17.77
CA LEU C 49 -0.30 -3.03 -17.87
C LEU C 49 -1.02 -3.47 -16.59
N VAL C 50 -2.05 -4.30 -16.73
CA VAL C 50 -2.83 -4.71 -15.57
C VAL C 50 -3.01 -6.21 -15.45
N ASP C 51 -3.37 -6.86 -16.56
CA ASP C 51 -3.77 -8.26 -16.51
C ASP C 51 -2.63 -9.24 -16.24
N GLN C 52 -2.99 -10.47 -15.89
CA GLN C 52 -2.05 -11.52 -15.54
C GLN C 52 -1.01 -11.70 -16.64
N LYS C 53 -1.47 -11.79 -17.88
CA LYS C 53 -0.60 -11.74 -19.05
C LYS C 53 -1.15 -10.64 -19.96
N ASP C 54 -0.47 -9.50 -19.97
CA ASP C 54 -0.97 -8.34 -20.69
C ASP C 54 0.06 -7.86 -21.70
N LYS C 55 -0.47 -7.24 -22.75
CA LYS C 55 0.31 -6.68 -23.82
C LYS C 55 -0.32 -5.31 -23.98
N THR C 56 0.48 -4.25 -24.00
CA THR C 56 -0.02 -2.94 -24.40
C THR C 56 0.95 -2.24 -25.32
N SER C 57 0.43 -1.33 -26.12
CA SER C 57 1.24 -0.66 -27.11
C SER C 57 0.73 0.76 -27.26
N ASN C 58 1.64 1.71 -27.07
CA ASN C 58 1.36 3.11 -27.36
C ASN C 58 2.43 3.64 -28.30
N GLY C 59 2.02 4.19 -29.44
CA GLY C 59 2.96 4.69 -30.41
C GLY C 59 3.95 3.60 -30.78
N ARG C 60 5.23 3.94 -30.77
CA ARG C 60 6.30 2.96 -30.99
C ARG C 60 6.36 1.90 -29.88
N TYR C 61 6.16 2.35 -28.64
CA TYR C 61 6.32 1.49 -27.48
C TYR C 61 5.33 0.33 -27.48
N SER C 62 5.85 -0.84 -27.13
CA SER C 62 5.06 -2.03 -26.88
C SER C 62 5.60 -2.74 -25.66
N ALA C 63 4.74 -3.11 -24.73
CA ALA C 63 5.18 -3.71 -23.49
C ALA C 63 4.35 -4.93 -23.16
N THR C 64 5.02 -5.93 -22.59
CA THR C 64 4.38 -7.16 -22.16
C THR C 64 4.67 -7.37 -20.69
N LEU C 65 3.74 -8.03 -20.01
CA LEU C 65 3.90 -8.34 -18.59
C LEU C 65 3.44 -9.78 -18.36
N ASP C 66 4.26 -10.51 -17.63
CA ASP C 66 3.86 -11.80 -17.12
C ASP C 66 3.90 -11.61 -15.62
N LYS C 67 2.76 -11.83 -14.99
CA LYS C 67 2.65 -11.78 -13.53
C LYS C 67 3.25 -13.00 -12.86
N ASP C 68 2.85 -14.19 -13.33
CA ASP C 68 3.38 -15.45 -12.82
C ASP C 68 4.89 -15.33 -12.69
N ALA C 69 5.51 -14.85 -13.77
CA ALA C 69 6.96 -14.74 -13.85
C ALA C 69 7.53 -13.52 -13.13
N LYS C 70 6.65 -12.57 -12.77
CA LYS C 70 7.04 -11.29 -12.16
C LYS C 70 8.09 -10.58 -13.01
N HIS C 71 7.72 -10.30 -14.25
CA HIS C 71 8.66 -9.83 -15.27
C HIS C 71 7.95 -8.96 -16.30
N SER C 72 8.63 -7.91 -16.76
CA SER C 72 8.09 -7.08 -17.82
C SER C 72 9.16 -6.56 -18.76
N THR C 73 8.78 -6.47 -20.04
CA THR C 73 9.68 -6.00 -21.07
C THR C 73 9.05 -4.86 -21.85
N LEU C 74 9.88 -3.86 -22.14
CA LEU C 74 9.49 -2.73 -22.95
C LEU C 74 10.29 -2.74 -24.25
N HIS C 75 9.55 -2.73 -25.36
CA HIS C 75 10.15 -2.70 -26.68
C HIS C 75 9.97 -1.33 -27.29
N ILE C 76 11.04 -0.78 -27.85
CA ILE C 76 10.94 0.43 -28.67
C ILE C 76 11.27 0.07 -30.11
N THR C 77 10.29 0.20 -31.00
CA THR C 77 10.48 -0.13 -32.41
C THR C 77 10.98 1.08 -33.19
N ALA C 78 11.93 0.84 -34.09
CA ALA C 78 12.50 1.88 -34.94
C ALA C 78 13.02 3.04 -34.10
N THR C 79 13.81 2.74 -33.07
CA THR C 79 14.31 3.77 -32.14
C THR C 79 14.78 5.02 -32.86
N LEU C 80 14.44 6.18 -32.30
CA LEU C 80 14.88 7.46 -32.83
C LEU C 80 15.88 8.10 -31.89
N LEU C 81 16.39 9.26 -32.26
CA LEU C 81 17.31 10.00 -31.39
C LEU C 81 16.62 10.55 -30.14
N ASP C 82 15.33 10.86 -30.27
CA ASP C 82 14.48 11.29 -29.12
C ASP C 82 14.52 10.32 -27.95
N ASP C 83 14.53 9.04 -28.27
CA ASP C 83 14.41 7.98 -27.28
C ASP C 83 15.55 8.00 -26.26
N THR C 84 16.36 9.05 -26.25
CA THR C 84 17.54 9.12 -25.40
C THR C 84 17.23 9.03 -23.89
N ALA C 85 16.12 9.61 -23.45
CA ALA C 85 15.80 9.73 -22.01
C ALA C 85 15.61 8.40 -21.27
N THR C 86 15.96 8.41 -19.99
CA THR C 86 15.96 7.23 -19.11
C THR C 86 14.56 6.64 -18.87
N TYR C 87 14.52 5.33 -18.62
CA TYR C 87 13.25 4.58 -18.65
C TYR C 87 12.96 3.88 -17.32
N ILE C 88 11.77 4.12 -16.78
CA ILE C 88 11.45 3.72 -15.40
C ILE C 88 10.25 2.77 -15.24
N CYS C 89 10.56 1.58 -14.74
CA CYS C 89 9.57 0.54 -14.42
C CYS C 89 9.00 0.75 -13.01
N VAL C 90 7.67 0.86 -12.92
CA VAL C 90 7.00 1.15 -11.65
C VAL C 90 5.84 0.17 -11.37
N VAL C 91 5.91 -0.52 -10.23
CA VAL C 91 4.84 -1.46 -9.80
C VAL C 91 3.94 -0.86 -8.73
N GLY C 92 2.63 -0.97 -8.94
CA GLY C 92 1.61 -0.50 -7.98
C GLY C 92 1.00 -1.69 -7.26
N ASP C 93 0.78 -1.54 -5.96
CA ASP C 93 0.36 -2.69 -5.17
C ASP C 93 -1.13 -2.74 -4.75
N ARG C 94 -1.92 -1.76 -5.20
CA ARG C 94 -3.37 -1.85 -5.01
C ARG C 94 -4.11 -1.33 -6.24
N GLY C 95 -5.30 -1.88 -6.50
CA GLY C 95 -6.18 -1.37 -7.52
C GLY C 95 -6.97 -0.17 -7.03
N SER C 96 -6.73 0.21 -5.78
CA SER C 96 -7.37 1.37 -5.18
C SER C 96 -6.34 2.46 -4.98
N ALA C 97 -6.81 3.70 -4.83
CA ALA C 97 -5.94 4.84 -4.53
C ALA C 97 -5.24 4.73 -3.17
N LEU C 98 -5.64 3.73 -2.38
CA LEU C 98 -4.92 3.37 -1.17
C LEU C 98 -3.52 2.88 -1.53
N GLY C 99 -3.45 2.10 -2.61
CA GLY C 99 -2.21 1.52 -3.07
C GLY C 99 -1.22 2.51 -3.64
N ARG C 100 0.12 2.02 -3.55
CA ARG C 100 1.11 3.00 -3.99
C ARG C 100 1.99 2.43 -5.09
N LEU C 101 3.16 3.05 -5.25
CA LEU C 101 4.01 2.79 -6.39
C LEU C 101 5.41 2.44 -5.88
N HIS C 102 5.99 1.41 -6.50
CA HIS C 102 7.34 0.97 -6.18
C HIS C 102 8.22 1.19 -7.40
N PHE C 103 9.25 2.01 -7.24
CA PHE C 103 10.04 2.51 -8.37
C PHE C 103 11.31 1.73 -8.61
N GLY C 104 11.56 1.41 -9.88
CA GLY C 104 12.83 0.86 -10.33
C GLY C 104 13.83 1.98 -10.55
N ALA C 105 15.11 1.63 -10.50
CA ALA C 105 16.19 2.62 -10.57
C ALA C 105 16.41 3.17 -11.99
N GLY C 106 15.75 2.57 -12.97
CA GLY C 106 15.78 3.09 -14.34
C GLY C 106 16.93 2.60 -15.20
N THR C 107 16.73 2.71 -16.51
CA THR C 107 17.71 2.32 -17.51
C THR C 107 17.96 3.49 -18.45
N GLN C 108 19.23 3.90 -18.59
CA GLN C 108 19.58 4.88 -19.61
C GLN C 108 19.62 4.20 -20.96
N LEU C 109 18.94 4.79 -21.94
CA LEU C 109 19.09 4.37 -23.32
C LEU C 109 20.02 5.34 -23.99
N ILE C 110 20.93 4.82 -24.82
CA ILE C 110 21.81 5.68 -25.60
C ILE C 110 21.68 5.30 -27.07
N VAL C 111 21.02 6.17 -27.83
CA VAL C 111 20.79 5.92 -29.24
C VAL C 111 21.93 6.53 -30.07
N ILE C 112 22.67 5.67 -30.75
CA ILE C 112 23.78 6.09 -31.63
C ILE C 112 23.29 6.32 -33.08
N PRO C 113 23.78 7.40 -33.73
CA PRO C 113 23.36 7.73 -35.09
C PRO C 113 23.98 6.81 -36.14
N ASP C 114 23.26 6.64 -37.24
CA ASP C 114 23.78 5.91 -38.39
C ASP C 114 24.27 6.92 -39.43
N ILE C 115 25.57 7.23 -39.35
CA ILE C 115 26.23 8.17 -40.26
C ILE C 115 26.47 7.50 -41.63
N GLN C 116 25.63 7.84 -42.61
CA GLN C 116 25.63 7.14 -43.89
C GLN C 116 26.79 7.56 -44.82
N ASN C 117 27.22 8.82 -44.69
CA ASN C 117 28.41 9.28 -45.40
C ASN C 117 29.36 10.09 -44.48
N PRO C 118 30.31 9.39 -43.84
CA PRO C 118 31.22 10.03 -42.89
C PRO C 118 32.33 10.84 -43.58
N ASP C 119 32.35 12.15 -43.32
CA ASP C 119 33.34 13.07 -43.93
C ASP C 119 34.20 13.78 -42.88
N PRO C 120 35.02 13.02 -42.10
CA PRO C 120 35.74 13.63 -40.97
C PRO C 120 36.57 14.85 -41.36
N ALA C 121 36.33 15.99 -40.71
CA ALA C 121 36.97 17.26 -41.06
C ALA C 121 36.90 18.28 -39.91
N VAL C 122 38.03 18.93 -39.61
CA VAL C 122 38.08 19.95 -38.55
C VAL C 122 38.25 21.37 -39.10
N TYR C 123 37.39 22.27 -38.66
CA TYR C 123 37.36 23.64 -39.18
C TYR C 123 37.65 24.63 -38.05
N GLN C 124 37.83 25.91 -38.38
CA GLN C 124 38.17 26.90 -37.36
C GLN C 124 37.26 28.13 -37.27
N LEU C 125 36.78 28.35 -36.05
CA LEU C 125 36.24 29.63 -35.56
C LEU C 125 37.40 30.46 -35.00
N ARG C 126 37.47 31.76 -35.34
CA ARG C 126 36.46 32.40 -36.17
C ARG C 126 35.03 32.23 -35.64
N ASP C 127 34.80 32.49 -34.36
CA ASP C 127 35.54 33.43 -33.52
C ASP C 127 34.91 34.83 -33.46
N SER C 128 33.81 35.02 -34.19
CA SER C 128 33.01 36.25 -34.09
C SER C 128 32.25 36.24 -32.76
N LYS C 129 31.87 37.41 -32.25
CA LYS C 129 31.99 38.69 -32.90
C LYS C 129 33.06 39.52 -32.18
N SER C 130 34.09 39.91 -32.91
CA SER C 130 35.11 40.87 -32.46
C SER C 130 36.11 40.35 -31.41
N SER C 131 36.14 39.04 -31.18
CA SER C 131 37.00 38.45 -30.14
C SER C 131 37.94 37.35 -30.64
N ASP C 132 38.99 37.75 -31.36
CA ASP C 132 39.96 36.82 -31.94
C ASP C 132 41.40 37.28 -31.74
N CYS C 136 38.06 24.69 -31.74
CA CYS C 136 37.53 24.50 -33.10
C CYS C 136 36.76 23.19 -33.27
N LEU C 137 35.88 23.19 -34.26
CA LEU C 137 34.92 22.10 -34.48
C LEU C 137 35.55 20.86 -35.12
N PHE C 138 35.20 19.68 -34.62
CA PHE C 138 35.56 18.42 -35.26
C PHE C 138 34.29 17.64 -35.55
N THR C 139 34.04 17.37 -36.83
CA THR C 139 32.70 16.93 -37.26
C THR C 139 32.66 15.73 -38.21
N ASP C 140 31.45 15.32 -38.57
CA ASP C 140 31.17 14.34 -39.61
C ASP C 140 31.83 12.97 -39.45
N PHE C 141 32.28 12.64 -38.24
CA PHE C 141 32.85 11.32 -37.98
C PHE C 141 31.77 10.25 -37.76
N ASP C 142 32.17 8.99 -37.58
CA ASP C 142 31.24 7.87 -37.46
C ASP C 142 31.05 7.36 -36.03
N SER C 143 30.20 6.35 -35.88
CA SER C 143 29.87 5.76 -34.58
C SER C 143 31.06 5.29 -33.75
N GLN C 144 31.97 4.53 -34.38
CA GLN C 144 33.13 3.94 -33.69
C GLN C 144 34.05 4.95 -33.02
N THR C 145 34.21 6.13 -33.64
CA THR C 145 35.06 7.18 -33.10
C THR C 145 34.50 7.77 -31.80
N ASN C 146 35.30 7.71 -30.75
CA ASN C 146 34.96 8.34 -29.47
C ASN C 146 36.03 9.33 -28.97
N VAL C 147 35.65 10.60 -28.86
CA VAL C 147 36.55 11.71 -28.47
C VAL C 147 36.95 11.62 -26.98
N SER C 148 38.26 11.64 -26.72
CA SER C 148 38.77 11.65 -25.35
C SER C 148 39.13 13.06 -24.90
N GLN C 149 38.70 13.41 -23.69
CA GLN C 149 38.98 14.74 -23.13
C GLN C 149 40.42 14.86 -22.67
N SER C 150 40.96 16.07 -22.79
CA SER C 150 42.38 16.35 -22.58
C SER C 150 42.86 16.07 -21.15
N LYS C 151 44.13 15.70 -21.05
CA LYS C 151 44.83 15.55 -19.77
C LYS C 151 45.39 16.89 -19.30
N ASP C 152 45.15 17.95 -20.10
CA ASP C 152 45.58 19.31 -19.78
C ASP C 152 44.46 20.16 -19.19
N SER C 153 44.85 21.17 -18.40
CA SER C 153 43.91 22.10 -17.78
C SER C 153 43.65 23.32 -18.66
N ASP C 154 44.61 23.61 -19.54
CA ASP C 154 44.55 24.76 -20.44
C ASP C 154 43.43 24.63 -21.46
N VAL C 155 43.28 23.42 -22.02
CA VAL C 155 42.36 23.14 -23.13
C VAL C 155 41.11 22.42 -22.63
N TYR C 156 39.98 22.68 -23.30
CA TYR C 156 38.70 22.06 -22.98
C TYR C 156 38.13 21.38 -24.22
N ILE C 157 37.69 20.13 -24.04
CA ILE C 157 37.15 19.36 -25.16
C ILE C 157 35.85 18.63 -24.80
N THR C 158 34.75 19.10 -25.39
CA THR C 158 33.43 18.56 -25.10
C THR C 158 33.23 17.20 -25.75
N ASP C 159 32.29 16.43 -25.20
CA ASP C 159 31.99 15.10 -25.73
C ASP C 159 31.19 15.15 -27.04
N LYS C 160 31.12 14.00 -27.73
CA LYS C 160 30.40 13.87 -29.00
C LYS C 160 28.91 14.19 -28.88
N CYS C 161 28.38 14.92 -29.87
CA CYS C 161 27.00 15.38 -29.90
C CYS C 161 26.42 15.14 -31.29
N VAL C 162 25.15 14.73 -31.35
CA VAL C 162 24.51 14.40 -32.64
C VAL C 162 23.36 15.36 -32.97
N LEU C 163 23.48 16.09 -34.08
CA LEU C 163 22.40 16.96 -34.54
C LEU C 163 21.64 16.36 -35.73
N ASP C 164 20.36 16.69 -35.85
CA ASP C 164 19.52 16.13 -36.90
C ASP C 164 18.89 17.25 -37.72
N MET C 165 19.39 17.43 -38.95
CA MET C 165 18.79 18.38 -39.87
C MET C 165 17.60 17.71 -40.54
N ARG C 166 16.40 17.99 -40.02
CA ARG C 166 15.22 17.19 -40.34
C ARG C 166 14.66 17.29 -41.75
N SER C 167 14.63 18.49 -42.33
CA SER C 167 14.17 18.64 -43.71
C SER C 167 15.08 17.83 -44.65
N MET C 168 16.38 17.89 -44.37
CA MET C 168 17.38 17.04 -45.00
C MET C 168 17.20 15.63 -44.41
N ASP C 169 17.70 14.63 -45.11
CA ASP C 169 17.79 13.30 -44.51
C ASP C 169 19.23 13.09 -44.05
N PHE C 170 19.59 13.78 -42.97
CA PHE C 170 21.00 13.90 -42.57
C PHE C 170 21.17 14.03 -41.05
N LYS C 171 22.17 13.32 -40.55
CA LYS C 171 22.60 13.40 -39.15
C LYS C 171 24.14 13.42 -39.14
N SER C 172 24.72 13.94 -38.06
CA SER C 172 26.18 14.02 -37.94
C SER C 172 26.64 14.25 -36.52
N ASN C 173 27.74 13.61 -36.12
CA ASN C 173 28.36 13.83 -34.82
C ASN C 173 29.06 15.19 -34.69
N SER C 174 29.06 15.75 -33.48
CA SER C 174 29.72 17.05 -33.24
C SER C 174 30.57 17.10 -31.96
N ALA C 175 31.67 17.86 -32.01
CA ALA C 175 32.55 18.07 -30.85
C ALA C 175 33.23 19.45 -30.94
N VAL C 176 33.71 19.97 -29.81
CA VAL C 176 34.38 21.27 -29.85
C VAL C 176 35.56 21.32 -28.85
N ALA C 177 36.61 22.04 -29.23
CA ALA C 177 37.77 22.30 -28.38
C ALA C 177 38.15 23.78 -28.39
N TRP C 178 38.68 24.26 -27.26
CA TRP C 178 39.11 25.66 -27.12
C TRP C 178 40.11 25.88 -25.98
N SER C 179 40.93 26.93 -26.12
CA SER C 179 41.74 27.45 -25.02
C SER C 179 41.92 28.97 -25.13
N ALA C 185 46.18 26.39 -31.32
CA ALA C 185 46.58 25.03 -31.63
C ALA C 185 45.39 24.18 -32.09
N CYS C 186 44.86 24.50 -33.28
CA CYS C 186 43.71 23.79 -33.84
C CYS C 186 44.13 22.44 -34.44
N ALA C 187 45.03 22.50 -35.42
CA ALA C 187 45.57 21.32 -36.12
C ALA C 187 45.89 20.16 -35.18
N ASN C 188 46.30 20.47 -33.95
CA ASN C 188 46.43 19.46 -32.92
C ASN C 188 45.45 19.71 -31.78
N ALA C 189 44.55 18.74 -31.57
CA ALA C 189 43.61 18.73 -30.45
C ALA C 189 43.09 17.30 -30.22
N PHE C 190 42.53 17.07 -29.03
CA PHE C 190 41.83 15.81 -28.66
C PHE C 190 42.37 14.45 -29.19
N ASN C 191 43.69 14.25 -29.20
CA ASN C 191 44.28 12.96 -29.65
C ASN C 191 44.02 11.66 -28.85
N ASN C 192 44.13 11.73 -27.52
CA ASN C 192 43.69 10.69 -26.59
C ASN C 192 44.11 11.05 -25.16
N ILE C 195 41.35 8.33 -33.38
CA ILE C 195 41.22 9.35 -34.41
C ILE C 195 41.66 8.82 -35.79
N PRO C 196 40.80 8.99 -36.82
CA PRO C 196 41.13 8.55 -38.18
C PRO C 196 42.02 9.55 -38.94
N GLU C 197 42.92 9.03 -39.77
CA GLU C 197 43.82 9.86 -40.59
C GLU C 197 43.13 10.44 -41.83
N ASP C 198 41.95 9.90 -42.15
CA ASP C 198 41.19 10.28 -43.36
C ASP C 198 40.69 11.73 -43.29
N THR C 199 41.07 12.45 -42.23
CA THR C 199 40.55 13.78 -41.90
C THR C 199 41.08 14.90 -42.80
N PHE C 200 40.27 15.97 -42.93
CA PHE C 200 40.60 17.15 -43.74
C PHE C 200 41.11 18.28 -42.85
N PHE C 201 41.95 19.14 -43.42
CA PHE C 201 42.47 20.34 -42.74
C PHE C 201 42.54 21.49 -43.72
N GLY D 3 -6.67 16.79 -18.14
CA GLY D 3 -6.80 17.97 -19.04
C GLY D 3 -6.37 19.28 -18.39
N GLY D 4 -5.07 19.57 -18.46
CA GLY D 4 -4.44 20.68 -17.74
C GLY D 4 -3.03 20.26 -17.38
N ILE D 5 -2.43 20.88 -16.35
CA ILE D 5 -1.06 20.55 -15.98
C ILE D 5 -0.76 20.59 -14.50
N ILE D 6 0.25 19.82 -14.12
CA ILE D 6 0.85 19.88 -12.80
C ILE D 6 2.20 20.57 -12.96
N THR D 7 2.43 21.60 -12.14
CA THR D 7 3.64 22.43 -12.23
C THR D 7 4.35 22.67 -10.90
N GLN D 8 5.67 22.42 -10.88
CA GLN D 8 6.49 22.70 -9.71
C GLN D 8 7.28 23.98 -9.94
N THR D 9 7.20 24.91 -8.99
CA THR D 9 8.08 26.08 -9.04
C THR D 9 8.97 26.05 -7.80
N PRO D 10 10.27 26.32 -7.96
CA PRO D 10 11.01 26.71 -9.16
C PRO D 10 11.68 25.54 -9.89
N LYS D 11 12.07 25.76 -11.15
CA LYS D 11 12.74 24.72 -11.91
C LYS D 11 14.09 24.44 -11.29
N PHE D 12 14.82 25.51 -11.02
CA PHE D 12 16.14 25.43 -10.40
C PHE D 12 16.13 26.21 -9.09
N LEU D 13 16.99 25.82 -8.15
CA LEU D 13 17.00 26.44 -6.82
C LEU D 13 18.39 26.51 -6.19
N ILE D 14 18.80 27.72 -5.81
CA ILE D 14 20.09 27.90 -5.17
C ILE D 14 19.91 28.06 -3.67
N GLY D 15 20.55 27.17 -2.91
CA GLY D 15 20.46 27.17 -1.46
C GLY D 15 21.84 27.05 -0.85
N GLN D 16 21.96 27.48 0.40
CA GLN D 16 23.24 27.43 1.15
C GLN D 16 23.13 26.46 2.32
N GLU D 17 24.27 26.04 2.86
CA GLU D 17 24.25 25.08 3.97
C GLU D 17 23.39 25.58 5.11
N GLY D 18 22.52 24.70 5.61
CA GLY D 18 21.65 25.00 6.76
C GLY D 18 20.48 25.94 6.52
N GLN D 19 20.27 26.33 5.26
CA GLN D 19 19.16 27.23 4.88
C GLN D 19 17.81 26.49 4.90
N LYS D 20 16.72 27.21 5.18
CA LYS D 20 15.36 26.67 5.04
C LYS D 20 14.84 26.86 3.60
N LEU D 21 14.43 25.77 2.97
CA LEU D 21 14.04 25.77 1.56
C LEU D 21 12.63 25.28 1.29
N THR D 22 11.93 26.01 0.44
CA THR D 22 10.54 25.72 0.09
C THR D 22 10.40 25.52 -1.43
N LEU D 23 9.49 24.64 -1.84
CA LEU D 23 9.16 24.47 -3.26
C LEU D 23 7.68 24.15 -3.43
N LYS D 24 7.01 24.98 -4.21
CA LYS D 24 5.58 24.81 -4.47
C LYS D 24 5.34 23.79 -5.59
N CYS D 25 4.10 23.33 -5.66
CA CYS D 25 3.63 22.43 -6.68
C CYS D 25 2.13 22.64 -6.82
N GLN D 26 1.69 22.99 -8.02
CA GLN D 26 0.28 23.26 -8.27
C GLN D 26 -0.28 22.35 -9.35
N GLN D 27 -1.57 22.07 -9.22
CA GLN D 27 -2.21 21.01 -9.97
C GLN D 27 -3.66 21.40 -10.16
N ASN D 28 -4.12 21.33 -11.41
CA ASN D 28 -5.50 21.67 -11.76
C ASN D 28 -6.24 20.47 -12.38
N PHE D 29 -5.91 19.28 -11.89
CA PHE D 29 -6.57 18.05 -12.35
C PHE D 29 -7.74 17.66 -11.47
N ASN D 30 -7.97 18.43 -10.41
CA ASN D 30 -9.00 18.14 -9.43
C ASN D 30 -8.59 16.90 -8.64
N HIS D 31 -7.29 16.63 -8.64
CA HIS D 31 -6.72 15.47 -7.96
C HIS D 31 -6.62 15.68 -6.46
N ASP D 32 -7.11 14.71 -5.71
CA ASP D 32 -7.11 14.79 -4.26
C ASP D 32 -5.76 14.41 -3.67
N THR D 33 -5.09 13.42 -4.25
CA THR D 33 -3.78 12.99 -3.72
C THR D 33 -2.64 13.74 -4.38
N MET D 34 -1.66 14.14 -3.57
CA MET D 34 -0.47 14.81 -4.09
C MET D 34 0.78 14.32 -3.38
N TYR D 35 1.84 14.12 -4.15
CA TYR D 35 3.05 13.45 -3.66
C TYR D 35 4.32 14.29 -3.87
N TRP D 36 5.34 14.05 -3.03
CA TRP D 36 6.68 14.62 -3.20
C TRP D 36 7.72 13.52 -3.15
N TYR D 37 8.36 13.23 -4.28
CA TYR D 37 9.39 12.19 -4.34
C TYR D 37 10.78 12.80 -4.38
N ARG D 38 11.80 11.98 -4.20
CA ARG D 38 13.17 12.40 -4.46
C ARG D 38 13.93 11.39 -5.32
N GLN D 39 14.50 11.91 -6.41
CA GLN D 39 15.26 11.11 -7.35
C GLN D 39 16.72 11.21 -6.99
N ASP D 40 17.29 10.06 -6.66
CA ASP D 40 18.72 9.95 -6.39
C ASP D 40 19.41 9.13 -7.47
N SER D 41 20.59 9.56 -7.90
CA SER D 41 21.20 8.89 -9.02
C SER D 41 21.32 7.43 -8.63
N GLY D 42 20.89 6.55 -9.54
CA GLY D 42 20.89 5.13 -9.29
C GLY D 42 20.09 4.65 -8.09
N LYS D 43 18.94 5.26 -7.80
CA LYS D 43 18.09 4.70 -6.75
C LYS D 43 16.61 4.64 -7.11
N GLY D 44 16.14 5.59 -7.91
CA GLY D 44 14.73 5.67 -8.25
C GLY D 44 13.97 6.41 -7.16
N LEU D 45 12.72 6.78 -7.44
CA LEU D 45 11.96 7.67 -6.58
C LEU D 45 11.67 7.09 -5.19
N ARG D 46 11.87 7.93 -4.18
CA ARG D 46 11.58 7.59 -2.78
C ARG D 46 10.60 8.63 -2.24
N LEU D 47 9.47 8.17 -1.70
CA LEU D 47 8.42 9.07 -1.24
C LEU D 47 8.86 9.82 0.01
N ILE D 48 8.57 11.12 0.05
CA ILE D 48 8.90 11.95 1.21
C ILE D 48 7.63 12.28 1.99
N TYR D 49 6.65 12.89 1.31
CA TYR D 49 5.40 13.27 1.92
C TYR D 49 4.26 13.17 0.93
N TYR D 50 3.12 12.65 1.40
CA TYR D 50 1.92 12.69 0.58
C TYR D 50 0.76 13.39 1.30
N SER D 51 -0.44 13.30 0.76
CA SER D 51 -1.57 14.06 1.26
C SER D 51 -2.82 13.69 0.53
N TYR D 52 -3.95 13.79 1.21
CA TYR D 52 -5.24 13.46 0.62
C TYR D 52 -6.10 14.71 0.46
N GLY D 53 -5.49 15.88 0.60
CA GLY D 53 -6.22 17.14 0.61
C GLY D 53 -5.61 18.06 1.68
N ALA D 54 -6.08 19.29 1.73
CA ALA D 54 -5.60 20.24 2.74
C ALA D 54 -6.25 19.90 4.09
N GLY D 55 -5.53 19.91 5.20
CA GLY D 55 -4.09 20.08 5.28
C GLY D 55 -3.60 18.75 5.83
N SER D 56 -4.00 17.70 5.12
CA SER D 56 -3.49 16.35 5.33
C SER D 56 -2.06 16.30 4.80
N THR D 57 -1.14 15.89 5.66
CA THR D 57 0.24 15.64 5.26
C THR D 57 0.67 14.33 5.93
N GLU D 58 1.14 13.38 5.14
CA GLU D 58 1.49 12.08 5.69
C GLU D 58 2.89 11.71 5.31
N LYS D 59 3.61 11.17 6.29
CA LYS D 59 5.01 10.83 6.14
C LYS D 59 5.19 9.67 5.20
N GLY D 60 6.19 9.79 4.33
CA GLY D 60 6.66 8.70 3.49
C GLY D 60 7.97 8.21 4.04
N ASP D 61 8.66 7.35 3.30
CA ASP D 61 9.89 6.71 3.79
C ASP D 61 11.09 7.64 3.98
N LEU D 62 11.00 8.86 3.45
CA LEU D 62 12.13 9.80 3.46
C LEU D 62 11.78 11.12 4.16
N SER D 63 10.72 11.10 4.97
CA SER D 63 10.17 12.31 5.61
C SER D 63 11.14 13.01 6.56
N GLU D 64 12.08 12.24 7.09
CA GLU D 64 13.03 12.82 8.00
C GLU D 64 13.78 13.86 7.21
N GLY D 65 13.87 15.04 7.80
CA GLY D 65 14.65 16.15 7.28
C GLY D 65 13.81 17.13 6.47
N TYR D 66 12.52 16.85 6.37
CA TYR D 66 11.61 17.69 5.58
C TYR D 66 10.26 17.78 6.28
N ASP D 67 9.56 18.86 6.00
CA ASP D 67 8.12 18.91 6.27
C ASP D 67 7.36 19.45 5.05
N ALA D 68 6.07 19.15 4.99
CA ALA D 68 5.24 19.54 3.89
C ALA D 68 3.93 20.11 4.41
N SER D 69 3.21 20.80 3.54
CA SER D 69 1.96 21.45 3.92
C SER D 69 1.07 21.61 2.70
N ARG D 70 -0.21 21.28 2.87
CA ARG D 70 -1.19 21.36 1.80
C ARG D 70 -2.22 22.42 2.17
N GLU D 71 -1.99 23.63 1.67
CA GLU D 71 -2.89 24.75 1.90
C GLU D 71 -4.26 24.52 1.27
N LYS D 72 -4.25 23.98 0.06
CA LYS D 72 -5.48 23.77 -0.71
C LYS D 72 -5.39 22.57 -1.65
N LYS D 73 -6.53 22.19 -2.22
CA LYS D 73 -6.57 21.08 -3.16
C LYS D 73 -5.51 21.33 -4.23
N SER D 74 -5.52 22.54 -4.77
CA SER D 74 -4.70 22.87 -5.92
C SER D 74 -3.20 22.94 -5.63
N SER D 75 -2.81 22.93 -4.35
CA SER D 75 -1.44 23.28 -4.01
C SER D 75 -0.78 22.47 -2.90
N PHE D 76 0.49 22.14 -3.10
CA PHE D 76 1.23 21.27 -2.19
C PHE D 76 2.70 21.70 -2.08
N SER D 77 3.07 22.19 -0.90
CA SER D 77 4.42 22.72 -0.63
C SER D 77 5.28 21.78 0.21
N LEU D 78 6.55 21.69 -0.14
CA LEU D 78 7.50 20.89 0.63
C LEU D 78 8.59 21.83 1.15
N THR D 79 9.00 21.63 2.41
CA THR D 79 10.07 22.43 3.01
C THR D 79 11.27 21.61 3.40
N VAL D 80 12.42 22.05 2.90
CA VAL D 80 13.71 21.46 3.21
C VAL D 80 14.22 22.21 4.42
N THR D 81 14.34 21.52 5.55
CA THR D 81 14.62 22.19 6.83
C THR D 81 16.05 22.70 6.94
N SER D 82 17.02 21.80 6.76
CA SER D 82 18.43 22.18 6.77
C SER D 82 19.15 21.59 5.56
N ALA D 83 19.50 22.45 4.61
CA ALA D 83 20.23 22.02 3.42
C ALA D 83 21.57 21.39 3.79
N GLN D 84 21.90 20.26 3.16
CA GLN D 84 23.18 19.58 3.41
C GLN D 84 24.32 20.32 2.70
N LYS D 85 25.53 20.10 3.22
CA LYS D 85 26.75 20.82 2.80
C LYS D 85 26.98 20.92 1.28
N ASN D 86 26.95 19.77 0.61
CA ASN D 86 27.30 19.68 -0.81
C ASN D 86 26.08 19.27 -1.62
N GLU D 87 24.90 19.38 -0.99
CA GLU D 87 23.68 18.76 -1.47
C GLU D 87 23.38 19.04 -2.94
N MET D 88 22.96 17.99 -3.64
CA MET D 88 22.44 18.08 -4.98
C MET D 88 21.36 17.04 -5.13
N ALA D 89 20.14 17.50 -5.44
CA ALA D 89 19.01 16.59 -5.60
C ALA D 89 17.96 17.15 -6.54
N VAL D 90 17.18 16.25 -7.10
CA VAL D 90 16.03 16.63 -7.91
C VAL D 90 14.79 16.30 -7.09
N PHE D 91 13.83 17.21 -7.08
CA PHE D 91 12.57 16.98 -6.37
C PHE D 91 11.41 16.92 -7.35
N LEU D 92 10.67 15.82 -7.30
CA LEU D 92 9.58 15.61 -8.24
C LEU D 92 8.24 15.59 -7.54
N CYS D 93 7.23 16.12 -8.21
CA CYS D 93 5.90 16.26 -7.66
C CYS D 93 4.92 15.53 -8.54
N ALA D 94 3.99 14.81 -7.92
CA ALA D 94 2.99 14.06 -8.64
C ALA D 94 1.64 14.19 -7.95
N SER D 95 0.57 14.25 -8.75
CA SER D 95 -0.78 14.31 -8.21
C SER D 95 -1.54 13.09 -8.71
N GLY D 96 -2.64 12.74 -8.05
CA GLY D 96 -3.37 11.52 -8.39
C GLY D 96 -4.84 11.50 -8.05
N SER D 97 -5.63 10.85 -8.91
CA SER D 97 -7.04 10.64 -8.64
C SER D 97 -7.20 9.65 -7.49
N LEU D 98 -8.26 9.80 -6.74
CA LEU D 98 -8.58 8.89 -5.67
C LEU D 98 -9.41 7.76 -6.19
N LEU D 99 -9.95 7.91 -7.39
CA LEU D 99 -10.77 6.86 -7.97
C LEU D 99 -10.11 6.13 -9.10
N ASP D 100 -8.83 6.37 -9.28
CA ASP D 100 -8.06 5.72 -10.28
C ASP D 100 -6.66 5.52 -9.81
N VAL D 101 -6.33 4.41 -9.21
CA VAL D 101 -4.93 4.34 -8.79
C VAL D 101 -3.97 4.88 -9.84
N ARG D 102 -4.25 4.60 -11.11
CA ARG D 102 -3.31 4.89 -12.18
C ARG D 102 -3.19 6.39 -12.41
N GLU D 103 -4.30 7.09 -12.34
CA GLU D 103 -4.31 8.52 -12.65
C GLU D 103 -3.27 9.29 -11.84
N VAL D 104 -2.00 9.12 -12.19
CA VAL D 104 -0.92 9.86 -11.56
C VAL D 104 -0.19 10.66 -12.62
N PHE D 105 0.01 11.94 -12.34
CA PHE D 105 0.69 12.79 -13.29
C PHE D 105 1.81 13.48 -12.61
N PHE D 106 2.97 13.55 -13.23
CA PHE D 106 4.14 14.17 -12.62
C PHE D 106 4.40 15.54 -13.20
N GLY D 107 5.18 16.33 -12.48
CA GLY D 107 5.60 17.66 -12.94
C GLY D 107 6.95 17.56 -13.64
N LYS D 108 7.54 18.71 -13.95
CA LYS D 108 8.79 18.75 -14.70
C LYS D 108 10.06 18.78 -13.82
N GLY D 109 9.91 18.51 -12.53
CA GLY D 109 11.05 18.42 -11.63
C GLY D 109 11.65 19.73 -11.12
N THR D 110 12.35 19.65 -9.99
CA THR D 110 13.03 20.79 -9.36
C THR D 110 14.49 20.44 -9.03
N ARG D 111 15.42 21.21 -9.55
CA ARG D 111 16.80 20.89 -9.30
C ARG D 111 17.43 21.81 -8.31
N LEU D 112 17.88 21.22 -7.22
CA LEU D 112 18.48 21.94 -6.10
C LEU D 112 20.00 21.80 -6.08
N THR D 113 20.67 22.94 -6.02
CA THR D 113 22.12 23.00 -5.84
C THR D 113 22.42 23.84 -4.60
N VAL D 114 23.24 23.28 -3.73
CA VAL D 114 23.63 23.96 -2.50
C VAL D 114 25.03 24.55 -2.68
N VAL D 115 25.09 25.88 -2.84
CA VAL D 115 26.37 26.62 -2.94
C VAL D 115 26.96 26.94 -1.55
N GLU D 116 28.22 27.34 -1.52
CA GLU D 116 29.04 27.08 -0.35
C GLU D 116 30.25 28.01 -0.11
N ASP D 117 30.16 29.33 -0.34
CA ASP D 117 28.99 30.19 -0.14
C ASP D 117 28.45 30.78 -1.42
N LEU D 118 27.56 31.74 -1.23
CA LEU D 118 26.87 32.48 -2.27
C LEU D 118 27.80 33.17 -3.26
N LYS D 119 28.89 33.74 -2.75
CA LYS D 119 29.85 34.50 -3.57
C LYS D 119 30.21 33.84 -4.90
N ASN D 120 30.09 32.52 -4.95
CA ASN D 120 30.58 31.72 -6.07
C ASN D 120 29.68 31.70 -7.31
N VAL D 121 28.54 32.38 -7.22
CA VAL D 121 27.49 32.31 -8.25
C VAL D 121 27.73 33.27 -9.40
N PHE D 122 27.89 32.74 -10.60
CA PHE D 122 28.17 33.55 -11.79
C PHE D 122 27.32 33.20 -13.00
N PRO D 123 26.92 34.23 -13.79
CA PRO D 123 26.23 34.12 -15.06
C PRO D 123 27.15 33.62 -16.18
N PRO D 124 26.57 33.13 -17.30
CA PRO D 124 27.39 32.69 -18.42
C PRO D 124 27.79 33.84 -19.33
N GLU D 125 28.93 33.69 -19.99
CA GLU D 125 29.33 34.61 -21.05
C GLU D 125 29.17 33.94 -22.41
N VAL D 126 28.28 34.49 -23.22
CA VAL D 126 27.87 33.86 -24.47
C VAL D 126 28.54 34.51 -25.67
N ALA D 127 29.30 33.69 -26.40
CA ALA D 127 29.95 34.12 -27.65
C ALA D 127 29.61 33.17 -28.82
N VAL D 128 28.93 33.72 -29.82
CA VAL D 128 28.54 32.97 -31.01
C VAL D 128 29.67 32.96 -32.04
N PHE D 129 30.10 31.76 -32.46
CA PHE D 129 31.17 31.61 -33.45
C PHE D 129 30.63 31.35 -34.86
N GLU D 130 31.33 31.89 -35.86
CA GLU D 130 30.91 31.77 -37.27
C GLU D 130 31.53 30.55 -37.96
N PRO D 131 30.87 30.05 -39.03
CA PRO D 131 31.32 28.82 -39.70
C PRO D 131 32.61 29.01 -40.50
N SER D 132 33.52 28.02 -40.41
CA SER D 132 34.79 28.04 -41.15
C SER D 132 34.57 27.83 -42.64
N GLU D 133 35.12 28.74 -43.46
CA GLU D 133 34.82 28.81 -44.89
C GLU D 133 35.22 27.54 -45.65
N ALA D 134 36.20 26.82 -45.10
CA ALA D 134 36.65 25.55 -45.64
C ALA D 134 35.53 24.50 -45.65
N GLU D 135 34.59 24.64 -44.70
CA GLU D 135 33.43 23.76 -44.59
C GLU D 135 32.47 23.96 -45.75
N ILE D 136 32.31 25.21 -46.19
CA ILE D 136 31.33 25.59 -47.21
C ILE D 136 31.63 24.96 -48.59
N SER D 137 32.87 25.08 -49.04
CA SER D 137 33.31 24.47 -50.30
C SER D 137 33.33 22.95 -50.17
N HIS D 138 33.75 22.47 -48.99
CA HIS D 138 33.92 21.04 -48.73
C HIS D 138 32.59 20.30 -48.56
N THR D 139 31.75 20.75 -47.62
CA THR D 139 30.50 20.06 -47.31
C THR D 139 29.20 20.72 -47.79
N GLN D 140 29.26 22.00 -48.15
CA GLN D 140 28.08 22.76 -48.60
C GLN D 140 27.09 23.05 -47.48
N LYS D 141 27.51 22.77 -46.25
CA LYS D 141 26.71 22.99 -45.03
C LYS D 141 27.50 23.90 -44.09
N ALA D 142 26.77 24.64 -43.24
CA ALA D 142 27.40 25.59 -42.32
C ALA D 142 27.01 25.38 -40.86
N THR D 143 28.02 25.05 -40.04
CA THR D 143 27.85 24.86 -38.60
C THR D 143 28.19 26.13 -37.84
N LEU D 144 27.23 26.67 -37.09
CA LEU D 144 27.52 27.68 -36.09
C LEU D 144 27.85 26.97 -34.78
N VAL D 145 28.70 27.57 -33.96
CA VAL D 145 29.01 27.03 -32.63
C VAL D 145 28.78 28.10 -31.55
N CYS D 146 28.02 27.75 -30.52
CA CYS D 146 27.78 28.63 -29.38
C CYS D 146 28.55 28.18 -28.14
N LEU D 147 28.91 29.15 -27.30
CA LEU D 147 29.64 28.88 -26.07
C LEU D 147 29.25 29.80 -24.94
N ALA D 148 28.55 29.22 -23.97
CA ALA D 148 28.33 29.85 -22.69
C ALA D 148 29.42 29.36 -21.76
N THR D 149 30.05 30.29 -21.07
CA THR D 149 31.24 29.99 -20.28
C THR D 149 31.32 30.79 -18.98
N GLY D 150 31.84 30.13 -17.94
CA GLY D 150 32.08 30.74 -16.64
C GLY D 150 30.83 30.96 -15.81
N PHE D 151 29.99 29.93 -15.72
CA PHE D 151 28.76 30.03 -14.93
C PHE D 151 28.71 28.98 -13.83
N TYR D 152 28.08 29.34 -12.72
CA TYR D 152 27.84 28.40 -11.61
C TYR D 152 26.58 28.82 -10.85
N PRO D 153 25.69 27.85 -10.53
CA PRO D 153 25.74 26.42 -10.85
C PRO D 153 25.18 26.08 -12.23
N ASP D 154 25.26 24.82 -12.65
CA ASP D 154 24.79 24.42 -13.99
C ASP D 154 23.26 24.51 -14.11
N HIS D 155 22.76 25.71 -13.86
CA HIS D 155 21.34 26.00 -13.92
C HIS D 155 21.08 26.87 -15.14
N VAL D 156 21.05 26.23 -16.31
CA VAL D 156 21.06 26.91 -17.60
C VAL D 156 20.14 26.28 -18.63
N GLU D 157 19.62 27.11 -19.52
CA GLU D 157 18.78 26.69 -20.61
C GLU D 157 19.18 27.40 -21.91
N LEU D 158 19.95 26.71 -22.73
CA LEU D 158 20.40 27.22 -24.03
C LEU D 158 19.38 26.93 -25.14
N SER D 159 19.14 27.89 -26.02
CA SER D 159 18.29 27.69 -27.19
C SER D 159 18.83 28.48 -28.39
N TRP D 160 18.56 28.01 -29.61
CA TRP D 160 18.96 28.74 -30.83
C TRP D 160 17.77 29.43 -31.51
N TRP D 161 17.99 30.66 -31.96
CA TRP D 161 16.93 31.48 -32.53
C TRP D 161 17.33 32.05 -33.90
N VAL D 162 16.55 31.73 -34.92
CA VAL D 162 16.76 32.31 -36.25
C VAL D 162 15.55 33.11 -36.70
N ASN D 163 15.81 34.29 -37.27
CA ASN D 163 14.74 35.20 -37.69
C ASN D 163 13.67 35.38 -36.61
N GLY D 164 14.11 35.45 -35.36
CA GLY D 164 13.21 35.64 -34.22
C GLY D 164 12.34 34.45 -33.81
N LYS D 165 12.59 33.28 -34.41
CA LYS D 165 11.91 32.05 -33.99
C LYS D 165 12.92 31.02 -33.50
N GLU D 166 12.51 30.23 -32.52
CA GLU D 166 13.35 29.20 -31.95
C GLU D 166 13.31 27.96 -32.85
N VAL D 167 14.48 27.39 -33.12
CA VAL D 167 14.61 26.19 -33.95
C VAL D 167 15.23 25.03 -33.17
N HIS D 168 14.91 23.82 -33.59
CA HIS D 168 15.46 22.62 -32.96
C HIS D 168 16.13 21.69 -33.96
N SER D 169 15.69 21.75 -35.22
CA SER D 169 16.31 20.96 -36.29
C SER D 169 17.66 21.56 -36.68
N GLY D 170 18.67 20.71 -36.73
CA GLY D 170 20.04 21.12 -36.97
C GLY D 170 20.66 21.74 -35.75
N VAL D 171 20.32 21.22 -34.58
CA VAL D 171 20.84 21.71 -33.30
C VAL D 171 21.45 20.56 -32.49
N CYS D 172 22.52 20.87 -31.76
CA CYS D 172 23.04 19.93 -30.77
C CYS D 172 23.58 20.67 -29.57
N THR D 173 23.34 20.12 -28.38
CA THR D 173 23.82 20.70 -27.14
C THR D 173 24.37 19.60 -26.25
N ASP D 174 25.50 19.87 -25.61
CA ASP D 174 26.10 18.91 -24.71
C ASP D 174 25.13 18.55 -23.59
N PRO D 175 24.87 17.25 -23.40
CA PRO D 175 24.05 16.82 -22.28
C PRO D 175 24.78 17.07 -20.95
N GLN D 176 26.11 17.09 -21.01
CA GLN D 176 26.96 17.31 -19.83
C GLN D 176 27.73 18.63 -19.89
N PRO D 177 27.57 19.47 -18.84
CA PRO D 177 28.40 20.66 -18.69
C PRO D 177 29.82 20.31 -18.27
N LEU D 178 30.78 21.17 -18.60
CA LEU D 178 32.18 20.91 -18.31
C LEU D 178 32.72 21.84 -17.25
N LYS D 179 33.20 21.26 -16.15
CA LYS D 179 33.83 22.01 -15.06
C LYS D 179 35.06 22.73 -15.59
N GLU D 180 35.14 24.04 -15.36
CA GLU D 180 36.31 24.82 -15.76
C GLU D 180 37.53 24.51 -14.87
N GLN D 181 37.28 24.31 -13.58
CA GLN D 181 38.29 23.81 -12.66
C GLN D 181 37.79 22.47 -12.12
N PRO D 182 38.13 21.34 -12.80
CA PRO D 182 37.70 20.02 -12.35
C PRO D 182 38.04 19.73 -10.88
N ALA D 183 38.99 20.50 -10.33
CA ALA D 183 39.51 20.27 -8.98
C ALA D 183 38.57 20.77 -7.88
N LEU D 184 38.46 22.09 -7.75
CA LEU D 184 37.76 22.74 -6.63
C LEU D 184 36.22 22.59 -6.67
N ASN D 185 35.66 21.82 -5.74
CA ASN D 185 34.23 21.56 -5.82
C ASN D 185 33.46 22.88 -5.85
N ASP D 186 32.45 22.95 -6.69
CA ASP D 186 31.70 24.19 -6.94
C ASP D 186 32.30 25.06 -8.05
N SER D 187 33.34 24.55 -8.72
CA SER D 187 33.93 25.25 -9.85
C SER D 187 32.87 25.65 -10.88
N ARG D 188 33.13 26.72 -11.61
CA ARG D 188 32.24 27.19 -12.66
C ARG D 188 32.21 26.21 -13.84
N TYR D 189 31.16 26.30 -14.65
CA TYR D 189 30.93 25.34 -15.73
C TYR D 189 31.03 25.98 -17.12
N ALA D 190 31.37 25.15 -18.12
CA ALA D 190 31.42 25.54 -19.53
C ALA D 190 30.57 24.59 -20.39
N LEU D 191 29.91 25.14 -21.41
CA LEU D 191 28.92 24.39 -22.21
C LEU D 191 28.94 24.78 -23.69
N SER D 192 28.89 23.78 -24.58
CA SER D 192 28.93 24.03 -26.02
C SER D 192 27.69 23.53 -26.75
N SER D 193 27.29 24.28 -27.78
CA SER D 193 26.12 23.97 -28.57
C SER D 193 26.34 24.37 -30.02
N ARG D 194 25.76 23.61 -30.94
CA ARG D 194 25.97 23.80 -32.38
C ARG D 194 24.69 23.99 -33.15
N LEU D 195 24.78 24.73 -34.26
CA LEU D 195 23.66 24.90 -35.16
C LEU D 195 24.12 24.76 -36.60
N ARG D 196 23.63 23.73 -37.28
CA ARG D 196 24.04 23.45 -38.65
C ARG D 196 22.91 23.74 -39.64
N VAL D 197 23.17 24.69 -40.54
CA VAL D 197 22.24 25.02 -41.61
C VAL D 197 22.91 24.92 -42.97
N SER D 198 22.11 25.09 -44.03
CA SER D 198 22.63 25.13 -45.39
C SER D 198 23.59 26.30 -45.58
N ALA D 199 24.69 26.05 -46.28
CA ALA D 199 25.62 27.12 -46.66
C ALA D 199 24.87 28.20 -47.45
N THR D 200 23.93 27.76 -48.29
CA THR D 200 23.02 28.65 -49.03
C THR D 200 22.13 29.50 -48.10
N PHE D 201 21.65 28.88 -47.02
CA PHE D 201 20.84 29.58 -46.02
C PHE D 201 21.69 30.60 -45.25
N TRP D 202 22.94 30.22 -44.94
CA TRP D 202 23.84 31.06 -44.14
C TRP D 202 24.46 32.22 -44.93
N GLN D 203 24.78 31.98 -46.20
CA GLN D 203 25.44 33.00 -47.03
C GLN D 203 24.60 34.27 -47.17
N ASN D 204 23.27 34.09 -47.18
CA ASN D 204 22.32 35.20 -47.11
C ASN D 204 22.43 35.90 -45.75
N PRO D 205 22.72 37.21 -45.75
CA PRO D 205 22.76 37.90 -44.45
C PRO D 205 21.47 38.68 -44.17
N ARG D 206 20.36 38.20 -44.71
CA ARG D 206 19.01 38.60 -44.29
C ARG D 206 18.56 37.67 -43.16
N ASN D 207 19.06 36.44 -43.19
CA ASN D 207 18.81 35.45 -42.14
C ASN D 207 19.56 35.80 -40.86
N HIS D 208 18.80 35.89 -39.77
CA HIS D 208 19.31 36.40 -38.51
C HIS D 208 19.50 35.32 -37.46
N PHE D 209 20.74 35.18 -36.99
CA PHE D 209 21.12 34.10 -36.06
C PHE D 209 21.44 34.58 -34.65
N ARG D 210 20.81 33.96 -33.64
CA ARG D 210 21.04 34.31 -32.24
C ARG D 210 21.07 33.10 -31.30
N CYS D 211 22.05 33.08 -30.38
CA CYS D 211 22.19 32.02 -29.39
C CYS D 211 21.82 32.50 -27.99
N GLN D 212 20.58 32.25 -27.58
CA GLN D 212 20.06 32.65 -26.26
C GLN D 212 20.35 31.60 -25.18
N VAL D 213 20.76 32.08 -24.01
CA VAL D 213 20.96 31.23 -22.82
C VAL D 213 20.19 31.78 -21.61
N GLN D 214 19.20 30.99 -21.15
CA GLN D 214 18.46 31.35 -19.95
C GLN D 214 19.24 30.85 -18.74
N PHE D 215 19.59 31.77 -17.85
CA PHE D 215 20.32 31.43 -16.65
C PHE D 215 19.46 31.65 -15.43
N TYR D 216 19.49 30.69 -14.51
CA TYR D 216 18.69 30.73 -13.29
C TYR D 216 19.57 30.90 -12.07
N GLY D 217 19.56 32.12 -11.53
CA GLY D 217 20.44 32.48 -10.44
C GLY D 217 19.74 33.00 -9.20
N LEU D 218 20.10 34.22 -8.81
CA LEU D 218 19.57 34.84 -7.61
C LEU D 218 18.32 35.64 -7.86
N SER D 219 17.43 35.64 -6.88
CA SER D 219 16.22 36.43 -6.94
C SER D 219 16.44 37.81 -6.31
N GLU D 220 15.48 38.72 -6.55
CA GLU D 220 15.41 40.00 -5.86
C GLU D 220 15.07 39.78 -4.39
N ASN D 221 14.45 38.63 -4.09
CA ASN D 221 14.07 38.25 -2.71
C ASN D 221 15.19 38.03 -1.68
N ASP D 222 16.25 37.31 -2.04
CA ASP D 222 17.49 37.33 -1.27
C ASP D 222 18.43 38.45 -1.75
N GLU D 223 18.64 39.43 -0.88
CA GLU D 223 19.55 40.56 -1.18
C GLU D 223 21.02 40.10 -1.18
N TRP D 224 21.88 40.92 -1.80
CA TRP D 224 23.26 40.54 -2.13
C TRP D 224 24.17 41.74 -1.89
N THR D 225 25.26 41.52 -1.14
CA THR D 225 26.16 42.61 -0.71
C THR D 225 27.62 42.43 -1.17
N GLN D 226 27.81 42.30 -2.47
CA GLN D 226 29.15 42.29 -3.06
C GLN D 226 29.27 43.38 -4.12
N ASP D 227 30.41 43.44 -4.80
CA ASP D 227 30.77 44.61 -5.57
C ASP D 227 30.15 44.71 -6.95
N ARG D 228 30.46 43.76 -7.83
CA ARG D 228 30.02 43.86 -9.23
C ARG D 228 28.57 43.42 -9.45
N ALA D 229 28.21 43.12 -10.69
CA ALA D 229 26.81 42.83 -11.07
C ALA D 229 26.19 41.65 -10.30
N LYS D 230 24.95 41.83 -9.84
CA LYS D 230 24.24 40.78 -9.14
C LYS D 230 23.95 39.64 -10.10
N PRO D 231 24.31 38.40 -9.72
CA PRO D 231 23.99 37.21 -10.51
C PRO D 231 22.52 36.80 -10.43
N VAL D 232 21.64 37.63 -11.00
CA VAL D 232 20.19 37.36 -11.05
C VAL D 232 19.82 36.34 -12.13
N THR D 233 18.53 36.01 -12.20
CA THR D 233 17.98 35.23 -13.30
C THR D 233 17.85 36.13 -14.52
N GLN D 234 18.55 35.75 -15.59
CA GLN D 234 18.68 36.59 -16.78
C GLN D 234 18.90 35.79 -18.07
N ILE D 235 18.63 36.44 -19.19
CA ILE D 235 18.95 35.91 -20.52
C ILE D 235 20.13 36.69 -21.08
N VAL D 236 21.22 35.98 -21.38
CA VAL D 236 22.35 36.58 -22.09
C VAL D 236 22.62 35.80 -23.38
N SER D 237 22.52 36.48 -24.52
CA SER D 237 22.71 35.84 -25.81
C SER D 237 23.88 36.44 -26.60
N ALA D 238 24.23 35.81 -27.71
CA ALA D 238 25.19 36.36 -28.65
C ALA D 238 24.64 36.27 -30.07
N GLU D 239 24.56 37.42 -30.72
CA GLU D 239 23.85 37.60 -31.98
C GLU D 239 24.84 37.69 -33.16
N ALA D 240 24.49 37.05 -34.27
CA ALA D 240 25.28 37.16 -35.52
C ALA D 240 24.40 37.01 -36.76
N TRP D 241 24.87 37.57 -37.89
CA TRP D 241 24.08 37.56 -39.12
C TRP D 241 24.63 36.63 -40.21
C1 NAG E . -21.54 -13.53 -8.32
C2 NAG E . -21.26 -13.26 -9.79
C3 NAG E . -21.88 -11.93 -10.22
C4 NAG E . -23.27 -11.64 -9.65
C5 NAG E . -23.45 -12.21 -8.22
C6 NAG E . -24.92 -12.16 -7.79
C7 NAG E . -19.15 -14.11 -10.73
C8 NAG E . -17.68 -13.88 -10.90
N2 NAG E . -19.82 -13.19 -10.04
O3 NAG E . -21.93 -11.89 -11.61
O4 NAG E . -23.28 -10.23 -9.59
O5 NAG E . -22.93 -13.52 -8.11
O6 NAG E . -25.32 -13.43 -7.28
O7 NAG E . -19.66 -15.11 -11.23
C1 NAG E . -24.34 -9.46 -10.23
C2 NAG E . -24.50 -9.47 -11.76
C3 NAG E . -25.40 -8.30 -12.20
C4 NAG E . -26.52 -7.93 -11.22
C5 NAG E . -26.11 -8.15 -9.74
C6 NAG E . -27.18 -7.85 -8.70
C7 NAG E . -22.90 -9.57 -13.66
C8 NAG E . -21.48 -9.27 -14.08
N2 NAG E . -23.20 -9.27 -12.39
O3 NAG E . -25.94 -8.55 -13.49
O4 NAG E . -26.83 -6.58 -11.46
O5 NAG E . -25.61 -9.47 -9.60
O6 NAG E . -26.59 -7.10 -7.67
O7 NAG E . -23.71 -10.06 -14.45
C1 NAG F . 0.37 -9.04 14.32
C2 NAG F . 1.26 -8.12 15.18
C3 NAG F . 2.08 -7.13 14.36
C4 NAG F . 2.88 -7.85 13.29
C5 NAG F . 1.94 -8.73 12.44
C6 NAG F . 2.75 -9.61 11.49
C7 NAG F . 0.40 -7.68 17.46
C8 NAG F . 1.30 -8.77 17.98
N2 NAG F . 0.43 -7.41 16.14
O3 NAG F . 2.97 -6.45 15.20
O4 NAG F . 3.60 -6.91 12.50
O5 NAG F . 1.14 -9.58 13.24
O6 NAG F . 3.09 -10.81 12.16
O7 NAG F . -0.31 -7.06 18.24
C1 NAG G . -0.92 2.10 20.96
C2 NAG G . 0.31 2.41 21.83
C3 NAG G . 0.77 1.13 22.56
C4 NAG G . -0.35 0.61 23.45
C5 NAG G . -1.59 0.33 22.59
C6 NAG G . -2.81 0.06 23.47
C7 NAG G . 1.42 4.33 20.76
C8 NAG G . 2.63 4.80 20.02
N2 NAG G . 1.40 3.03 21.11
O3 NAG G . 1.94 1.40 23.31
O4 NAG G . 0.02 -0.52 24.21
O5 NAG G . -1.92 1.45 21.76
O6 NAG G . -3.40 -1.19 23.18
O7 NAG G . 0.51 5.12 21.00
C 3GB H . -7.35 -5.37 -0.44
N 3GB H . -7.49 -7.33 -1.74
O 3GB H . -6.73 -4.60 0.42
C1 3GB H . -7.81 -9.39 -12.89
O1 3GB H . -7.63 -9.33 -11.44
C2 3GB H . -8.37 -8.05 -13.40
O2 3GB H . -7.48 -6.99 -13.03
C3 3GB H . -9.75 -7.76 -12.80
O3 3GB H . -10.32 -6.62 -13.43
C4 3GB H . -10.68 -8.96 -12.98
O4 3GB H . -11.03 -9.09 -14.36
C5 3GB H . -10.00 -10.26 -12.50
O5 3GB H . -8.75 -10.46 -13.23
C6 3GB H . -10.95 -11.46 -12.75
O6 3GB H . -10.72 -11.96 -14.06
CA 3GB H . -6.50 -6.49 -1.05
CB 3GB H . -5.72 -5.64 -2.05
CAL 3GB H . -6.35 -9.67 -8.20
CAM 3GB H . -7.31 -10.76 -8.79
CAN 3GB H . -6.81 -11.27 -10.16
CAO 3GB H . -6.42 -10.10 -11.06
CAP 3GB H . -5.47 -9.20 -10.32
CAQ 3GB H . -5.00 -8.10 -11.25
OAR 3GB H . -7.40 -11.85 -7.88
OAS 3GB H . -7.84 -12.03 -10.79
OAU 3GB H . -6.12 -8.64 -9.21
OAV 3GB H . -3.73 -7.60 -10.80
CAW 3GB H . -5.21 -6.29 -5.22
CAX 3GB H . -5.98 -6.96 -6.39
CAY 3GB H . -5.92 -8.53 -6.27
CAZ 3GB H . -6.13 -8.94 -4.80
CBA 3GB H . -5.94 -10.46 -4.66
CBB 3GB H . -5.53 -6.96 -3.91
OBC 3GB H . -4.77 -6.34 -2.87
OBD 3GB H . -5.56 -4.90 -5.15
OBE 3GB H . -5.40 -6.55 -7.63
OBF 3GB H . -6.92 -9.10 -7.07
OBG 3GB H . -5.21 -8.29 -3.98
OBH 3GB H . -4.56 -10.78 -4.82
CBI 3GB H . -11.78 3.99 8.41
CBJ 3GB H . -13.12 3.36 8.00
CBK 3GB H . -12.88 1.96 7.41
CBL 3GB H . -14.03 1.47 6.51
CBM 3GB H . -14.63 0.16 7.06
CBN 3GB H . -15.10 -0.79 5.95
CBO 3GB H . -13.97 -1.71 5.49
CBP 3GB H . -13.97 -1.87 3.96
CBQ 3GB H . -14.35 -3.28 3.55
CBR 3GB H . -13.22 -4.24 3.91
CBS 3GB H . -12.68 -4.92 2.66
CBT 3GB H . -11.25 -4.49 2.33
CBU 3GB H . -10.71 -5.30 1.16
CBV 3GB H . -9.38 -5.00 0.95
CBW 3GB H . -8.63 -5.81 0.11
CCC 3GB H . -7.59 -8.63 -1.52
OCD 3GB H . -6.85 -9.28 -0.80
CCE 3GB H . -8.72 -9.29 -2.31
CCF 3GB H . -9.44 -10.36 -1.47
CCG 3GB H . -10.29 -9.75 -0.37
CCH 3GB H . -10.67 -10.81 0.65
CCI 3GB H . -11.92 -10.41 1.43
CCJ 3GB H . -12.45 -11.59 2.22
CCK 3GB H . -13.02 -11.17 3.41
CCL 3GB H . -12.91 -11.87 4.62
CCM 3GB H . -12.24 -13.08 4.80
CCN 3GB H . -11.92 -13.29 6.30
CCO 3GB H . -11.74 -14.76 6.62
CCP 3GB H . -10.66 -14.98 7.68
CCQ 3GB H . -9.62 -15.99 7.21
CCR 3GB H . -10.26 -17.18 6.49
CCS 3GB H . -9.94 -18.51 7.18
CCT 3GB H . -9.93 -19.69 6.18
CCU 3GB H . -11.34 -20.12 5.76
CCV 3GB H . -11.28 -21.32 4.79
CCW 3GB H . -12.37 -21.24 3.71
CCX 3GB H . -11.96 -20.31 2.54
CCY 3GB H . -13.16 -19.98 1.62
CCZ 3GB H . -14.27 -19.22 2.35
CDA 3GB H . -14.96 -18.23 1.42
CDB 3GB H . -15.47 -17.01 2.20
CDC 3GB H . -14.41 -15.90 2.26
#